data_2HWD
#
_entry.id   2HWD
#
_cell.length_a   341.300
_cell.length_b   341.300
_cell.length_c   465.900
_cell.angle_alpha   90.00
_cell.angle_beta   90.00
_cell.angle_gamma   120.00
#
_symmetry.space_group_name_H-M   'P 63 2 2'
#
loop_
_entity.id
_entity.type
_entity.pdbx_description
1 polymer 'HUMAN RHINOVIRUS 1A COAT PROTEIN (SUBUNIT VP1)'
2 polymer 'HUMAN RHINOVIRUS 1A COAT PROTEIN (SUBUNIT VP2)'
3 polymer 'HUMAN RHINOVIRUS 1A COAT PROTEIN (SUBUNIT VP3)'
4 polymer 'HUMAN RHINOVIRUS 1A COAT PROTEIN (SUBUNIT VP4)'
5 non-polymer '5-(3-(2,6-DICHLORO-4-(4,5-DIHYDRO-2-OXAZOLYL)PHENOXY)PROPYL)-3-METHYL ISOXAZOLE'
#
loop_
_entity_poly.entity_id
_entity_poly.type
_entity_poly.pdbx_seq_one_letter_code
_entity_poly.pdbx_strand_id
1 'polypeptide(L)'
;NPVENYIDEVLNEVLVVPNIKESHHTTSNSAPLLDAAETGHTSNVQPEDAIETRYVITSQTRDEMSIESFLGRSGCVHIS
RIKVDYTDYNGQDINFTKWKITLQEMAQIRRKFELFTYVRFDSEITLVPCIAGRGDDIGHIVMQYMYVPPGAPIPSKRND
FSWQSGTNMSIFWQHGQPFPRFSIPFLSIASAYYMFYDGYDGDNTSSKYGSVVTNDMGTICSRIVTEKQKLSVVITTHIY
HKAKHTKAWCPRPPRAVPYTHSHVTNYMPETGDVTTAIVRRNTITTA
;
1
2 'polypeptide(L)'
;SPSVEACGYSDRIMQITRGDSTISSDDVANAVVGYGVWPHYLTPQDATAINKPTQPDTSSNRFYTLESKHWNGSSKGWWW
KLPDALKDMGIFGENMYYHFLGRSGYTVHVQCNASKFHQGTLLVAMIPEHQLASAKHGSVTAGYKLTHPGEAGRDVSQER
DASLRQPSDDSWLNFDGTLLGNLLIFPHQFINLRSNNSATLIVPYVNAVPMDSMLRHNNWCLVIIPISPLRSETTSSNIV
PITVSISPMCAEFSGARAKNIKQ
;
2
3 'polypeptide(L)'
;GLPVYITPGSGQFMTTDDMQSPCALPWYHPTKEISIPGEVKNLIEMCQVDTLIPVNNVGNNVGNVSMYTVQLGNQTGMAQ
KVFSIKVDITSTPLATTLIGEIASYYTHWTGSLRFSFMFCGTANTTLKLLLAYTPPGIDEPTTRKDAMLGTHVVWDVGLQ
STISLVVPWVSASHFRLTADNKYSMAGYITCWYQTNLVVPPSTPQTADMLCFVSACKDFCLRMARDTDLHIQSGPIEQ
;
3
4 'polypeptide(L)' GAGVSRQNVGTHSTQNSVSNGSSLNYFNINYFKDAASSGASRLD 4
#
loop_
_chem_comp.id
_chem_comp.type
_chem_comp.name
_chem_comp.formula
W91 non-polymer '5-(3-(2,6-DICHLORO-4-(4,5-DIHYDRO-2-OXAZOLYL)PHENOXY)PROPYL)-3-METHYL ISOXAZOLE' 'C16 H16 Cl2 N2 O3'
#
# COMPACT_ATOMS: atom_id res chain seq x y z
N ASN A 5 -0.87 -33.29 -2.28
CA ASN A 5 -0.41 -32.25 -1.28
C ASN A 5 1.14 -32.27 -1.38
N TYR A 6 1.68 -33.42 -0.95
CA TYR A 6 3.12 -33.49 -1.08
C TYR A 6 3.62 -32.91 -2.41
N ILE A 7 3.45 -33.73 -3.40
CA ILE A 7 3.89 -33.47 -4.78
C ILE A 7 3.59 -32.00 -5.10
N ASP A 8 2.29 -31.74 -4.93
CA ASP A 8 1.83 -30.35 -5.16
C ASP A 8 2.54 -29.27 -4.36
N GLU A 9 3.02 -29.56 -3.17
CA GLU A 9 3.74 -28.82 -2.17
C GLU A 9 5.27 -28.96 -2.17
N VAL A 10 5.74 -29.99 -2.83
CA VAL A 10 7.16 -30.37 -2.89
C VAL A 10 7.66 -30.00 -4.27
N LEU A 11 6.61 -30.05 -5.10
CA LEU A 11 6.84 -29.75 -6.54
C LEU A 11 6.55 -28.27 -6.78
N ASN A 12 5.85 -27.81 -5.74
CA ASN A 12 5.42 -26.41 -5.59
C ASN A 12 4.61 -26.13 -6.84
N GLU A 13 3.39 -26.59 -6.71
CA GLU A 13 2.36 -26.49 -7.73
C GLU A 13 1.01 -26.28 -7.07
N VAL A 14 1.06 -25.63 -5.93
CA VAL A 14 -0.17 -25.39 -5.18
C VAL A 14 -1.09 -24.43 -5.88
N LEU A 15 -0.66 -23.20 -6.13
CA LEU A 15 -1.44 -22.14 -6.78
C LEU A 15 -1.07 -22.06 -8.25
N VAL A 16 -1.80 -22.78 -9.08
CA VAL A 16 -1.40 -22.69 -10.51
C VAL A 16 -2.33 -21.73 -11.26
N VAL A 17 -1.75 -21.13 -12.28
CA VAL A 17 -2.39 -20.15 -13.16
C VAL A 17 -2.99 -20.91 -14.33
N PRO A 18 -4.13 -20.44 -14.77
CA PRO A 18 -4.92 -20.99 -15.88
C PRO A 18 -4.16 -21.01 -17.18
N ASN A 19 -4.71 -21.69 -18.15
CA ASN A 19 -3.94 -21.67 -19.41
C ASN A 19 -4.70 -20.76 -20.35
N ILE A 20 -4.08 -20.52 -21.46
CA ILE A 20 -4.50 -19.67 -22.51
C ILE A 20 -5.06 -20.60 -23.57
N LYS A 21 -6.36 -20.52 -23.62
CA LYS A 21 -7.12 -21.29 -24.60
C LYS A 21 -6.89 -20.78 -26.02
N GLU A 22 -7.61 -21.40 -26.95
CA GLU A 22 -7.56 -21.04 -28.35
C GLU A 22 -8.72 -20.12 -28.71
N SER A 23 -8.44 -19.23 -29.63
CA SER A 23 -9.50 -18.33 -30.08
C SER A 23 -9.58 -18.40 -31.61
N HIS A 24 -10.67 -17.77 -31.96
CA HIS A 24 -11.10 -17.57 -33.34
C HIS A 24 -11.50 -16.09 -33.43
N HIS A 25 -11.85 -15.69 -34.66
CA HIS A 25 -12.15 -14.27 -34.87
C HIS A 25 -13.52 -13.84 -34.43
N THR A 26 -13.69 -12.56 -34.20
CA THR A 26 -15.05 -12.18 -33.76
C THR A 26 -15.42 -10.87 -34.42
N THR A 27 -16.48 -11.01 -35.16
CA THR A 27 -17.07 -9.91 -35.92
C THR A 27 -18.39 -9.69 -35.24
N SER A 28 -18.34 -9.61 -33.91
CA SER A 28 -19.53 -9.46 -33.05
C SER A 28 -19.69 -8.30 -32.09
N ASN A 29 -20.91 -7.88 -32.00
CA ASN A 29 -21.50 -6.86 -31.17
C ASN A 29 -20.75 -6.56 -29.85
N SER A 30 -20.97 -7.42 -28.86
CA SER A 30 -20.28 -7.21 -27.56
C SER A 30 -18.74 -7.19 -27.66
N ALA A 31 -18.32 -5.99 -27.27
CA ALA A 31 -16.96 -5.51 -27.17
C ALA A 31 -16.44 -5.49 -25.73
N PRO A 32 -15.76 -6.57 -25.42
CA PRO A 32 -15.19 -6.82 -24.11
C PRO A 32 -14.05 -5.84 -23.86
N LEU A 33 -13.48 -5.37 -24.95
CA LEU A 33 -12.34 -4.46 -24.78
C LEU A 33 -12.67 -3.08 -24.32
N LEU A 34 -13.97 -2.81 -24.28
CA LEU A 34 -14.51 -1.53 -23.86
C LEU A 34 -15.11 -1.53 -22.49
N ASP A 35 -14.57 -0.94 -21.47
CA ASP A 35 -15.23 -0.97 -20.13
C ASP A 35 -15.00 0.44 -19.59
N ALA A 36 -15.62 0.92 -18.55
CA ALA A 36 -15.40 2.27 -18.01
C ALA A 36 -14.85 2.21 -16.58
N ALA A 37 -13.55 2.21 -16.56
CA ALA A 37 -12.60 2.18 -15.46
C ALA A 37 -12.83 3.19 -14.31
N GLU A 38 -13.82 4.02 -14.58
CA GLU A 38 -14.28 5.06 -13.67
C GLU A 38 -15.09 4.41 -12.55
N THR A 39 -15.62 3.23 -12.77
CA THR A 39 -16.43 2.38 -11.91
C THR A 39 -15.58 1.91 -10.74
N GLY A 40 -14.35 2.28 -11.01
CA GLY A 40 -13.28 2.04 -10.08
C GLY A 40 -12.90 0.57 -10.16
N HIS A 41 -13.73 -0.23 -10.80
CA HIS A 41 -13.34 -1.67 -10.88
C HIS A 41 -12.19 -1.96 -11.85
N THR A 42 -11.86 -3.26 -11.86
CA THR A 42 -10.77 -3.54 -12.82
C THR A 42 -11.36 -4.36 -13.96
N SER A 43 -10.75 -4.04 -15.11
CA SER A 43 -11.12 -4.73 -16.32
C SER A 43 -10.75 -6.23 -16.03
N ASN A 44 -11.44 -6.94 -16.90
CA ASN A 44 -11.39 -8.37 -17.01
C ASN A 44 -11.19 -8.69 -18.49
N VAL A 45 -10.05 -8.45 -19.08
CA VAL A 45 -10.01 -8.76 -20.55
C VAL A 45 -8.82 -9.70 -20.59
N GLN A 46 -8.82 -10.54 -21.62
CA GLN A 46 -7.69 -11.48 -21.67
C GLN A 46 -7.17 -11.60 -23.08
N PRO A 47 -6.13 -12.39 -23.11
CA PRO A 47 -5.44 -12.61 -24.39
C PRO A 47 -6.46 -13.09 -25.42
N GLU A 48 -7.08 -14.18 -25.00
CA GLU A 48 -8.10 -14.87 -25.78
C GLU A 48 -9.16 -13.87 -26.27
N ASP A 49 -9.42 -12.83 -25.54
CA ASP A 49 -10.40 -11.85 -25.99
C ASP A 49 -10.04 -10.93 -27.16
N ALA A 50 -8.87 -10.34 -27.07
CA ALA A 50 -8.21 -9.38 -27.90
C ALA A 50 -7.54 -9.90 -29.16
N ILE A 51 -7.06 -11.13 -29.07
CA ILE A 51 -6.36 -11.72 -30.20
C ILE A 51 -6.91 -13.13 -30.47
N GLU A 52 -6.23 -13.69 -31.48
CA GLU A 52 -6.51 -15.05 -31.93
C GLU A 52 -5.31 -15.83 -31.42
N THR A 53 -5.49 -16.20 -30.20
CA THR A 53 -4.68 -16.94 -29.26
C THR A 53 -4.55 -18.38 -29.77
N ARG A 54 -3.74 -19.18 -29.11
CA ARG A 54 -3.55 -20.55 -29.55
C ARG A 54 -4.01 -21.56 -28.51
N TYR A 55 -3.06 -22.08 -27.76
CA TYR A 55 -3.39 -23.07 -26.73
C TYR A 55 -2.11 -23.40 -25.98
N VAL A 56 -2.09 -22.82 -24.78
CA VAL A 56 -0.84 -23.08 -24.04
C VAL A 56 -1.29 -23.57 -22.68
N ILE A 57 -0.82 -24.75 -22.36
CA ILE A 57 -1.11 -25.35 -21.05
C ILE A 57 -0.02 -24.76 -20.19
N THR A 58 -0.41 -24.04 -19.17
CA THR A 58 0.56 -23.34 -18.29
C THR A 58 1.25 -24.22 -17.28
N SER A 59 1.93 -23.66 -16.31
CA SER A 59 2.67 -24.53 -15.33
C SER A 59 3.55 -23.67 -14.42
N GLN A 60 2.93 -22.57 -14.06
CA GLN A 60 3.62 -21.54 -13.27
C GLN A 60 2.69 -21.51 -12.05
N THR A 61 3.45 -21.52 -10.98
CA THR A 61 2.75 -21.47 -9.69
C THR A 61 2.90 -20.09 -9.15
N ARG A 62 1.89 -19.73 -8.38
CA ARG A 62 1.89 -18.41 -7.72
C ARG A 62 2.21 -18.73 -6.27
N ASP A 63 3.00 -19.77 -6.12
CA ASP A 63 3.38 -20.17 -4.74
C ASP A 63 4.27 -19.07 -4.17
N GLU A 64 5.40 -18.82 -4.80
CA GLU A 64 6.33 -17.77 -4.31
C GLU A 64 5.65 -16.42 -4.31
N MET A 65 4.43 -16.21 -4.75
CA MET A 65 3.70 -14.92 -4.74
C MET A 65 2.64 -14.91 -3.63
N SER A 66 2.99 -15.39 -2.47
CA SER A 66 2.19 -15.54 -1.30
C SER A 66 2.77 -14.69 -0.19
N ILE A 67 1.82 -14.06 0.41
CA ILE A 67 2.23 -13.23 1.55
C ILE A 67 3.18 -14.05 2.41
N GLU A 68 3.39 -15.36 2.25
CA GLU A 68 4.35 -15.96 3.21
C GLU A 68 5.75 -16.06 2.68
N SER A 69 5.90 -16.07 1.37
CA SER A 69 7.25 -16.17 0.75
C SER A 69 7.62 -14.75 0.37
N PHE A 70 6.69 -13.81 0.56
CA PHE A 70 6.93 -12.42 0.23
C PHE A 70 7.40 -11.88 1.57
N LEU A 71 6.66 -12.33 2.56
CA LEU A 71 7.10 -11.82 3.88
C LEU A 71 8.10 -12.75 4.50
N GLY A 72 7.89 -13.99 4.79
CA GLY A 72 8.75 -14.98 5.43
C GLY A 72 10.19 -15.15 5.01
N ARG A 73 11.01 -14.13 5.24
CA ARG A 73 12.44 -13.98 4.95
C ARG A 73 13.14 -13.12 6.00
N SER A 74 14.19 -13.60 6.65
CA SER A 74 14.93 -12.88 7.69
C SER A 74 15.63 -11.61 7.23
N GLY A 75 15.52 -10.52 7.97
CA GLY A 75 16.06 -9.21 7.68
C GLY A 75 16.56 -8.40 8.86
N CYS A 76 17.75 -7.82 8.67
CA CYS A 76 18.46 -7.02 9.68
C CYS A 76 17.49 -5.93 10.07
N VAL A 77 17.25 -5.79 11.35
CA VAL A 77 16.27 -4.76 11.76
C VAL A 77 16.86 -3.90 12.87
N HIS A 78 18.06 -4.43 13.17
CA HIS A 78 18.83 -3.84 14.26
C HIS A 78 20.16 -4.54 14.43
N ILE A 79 21.10 -3.65 14.74
CA ILE A 79 22.50 -3.98 14.95
C ILE A 79 22.99 -3.51 16.30
N SER A 80 22.70 -4.22 17.33
CA SER A 80 23.22 -3.90 18.67
C SER A 80 24.77 -3.91 18.65
N ARG A 81 25.28 -2.86 19.27
CA ARG A 81 26.70 -2.56 19.41
C ARG A 81 27.05 -2.25 20.87
N ILE A 82 28.23 -2.73 21.25
CA ILE A 82 28.83 -2.57 22.56
C ILE A 82 30.36 -2.40 22.46
N LYS A 83 30.75 -1.14 22.60
CA LYS A 83 32.21 -0.83 22.58
C LYS A 83 32.51 -0.95 24.08
N VAL A 84 33.04 -2.15 24.38
CA VAL A 84 33.27 -2.38 25.82
C VAL A 84 34.27 -1.34 26.35
N ASP A 85 34.23 -1.34 27.66
CA ASP A 85 35.03 -0.52 28.57
C ASP A 85 35.52 -1.39 29.73
N TYR A 86 36.75 -1.17 30.17
CA TYR A 86 37.18 -2.05 31.31
C TYR A 86 37.55 -1.15 32.48
N THR A 87 37.74 0.09 32.05
CA THR A 87 38.08 1.22 32.92
C THR A 87 36.98 1.36 34.02
N ASP A 88 35.77 1.57 33.54
CA ASP A 88 34.58 1.66 34.35
C ASP A 88 33.70 0.56 33.76
N TYR A 89 33.45 -0.31 34.72
CA TYR A 89 32.59 -1.49 34.39
C TYR A 89 31.33 -1.14 35.17
N ASN A 90 30.24 -1.40 34.49
CA ASN A 90 28.99 -1.06 35.29
C ASN A 90 28.80 0.44 35.06
N GLY A 91 28.81 1.28 36.10
CA GLY A 91 28.58 2.72 35.71
C GLY A 91 27.14 2.73 35.13
N GLN A 92 26.65 3.95 34.92
CA GLN A 92 25.24 4.09 34.46
C GLN A 92 25.02 4.17 32.97
N ASP A 93 24.32 3.15 32.44
CA ASP A 93 24.03 3.17 30.99
C ASP A 93 25.26 2.69 30.23
N ILE A 94 25.91 1.63 30.70
CA ILE A 94 27.11 1.14 30.01
C ILE A 94 27.34 -0.36 29.94
N ASN A 95 27.97 -0.59 28.78
CA ASN A 95 28.38 -1.98 28.47
C ASN A 95 27.23 -3.00 28.32
N PHE A 96 26.06 -2.39 28.32
CA PHE A 96 24.77 -3.08 28.19
C PHE A 96 23.94 -2.17 27.28
N THR A 97 23.34 -2.81 26.29
CA THR A 97 22.44 -2.16 25.33
C THR A 97 20.97 -2.39 25.70
N LYS A 98 20.16 -1.48 25.25
CA LYS A 98 18.71 -1.51 25.39
C LYS A 98 18.12 -0.88 24.11
N TRP A 99 17.30 -0.73 23.32
CA TRP A 99 16.75 -0.50 21.98
C TRP A 99 15.28 -0.84 21.98
N LYS A 100 14.53 0.03 21.37
CA LYS A 100 13.11 -0.13 21.30
C LYS A 100 12.66 -0.73 20.01
N ILE A 101 12.04 -1.75 20.35
CA ILE A 101 11.33 -2.64 19.60
C ILE A 101 10.80 -1.89 18.43
N THR A 102 10.98 -2.48 17.35
CA THR A 102 10.55 -1.88 16.16
C THR A 102 11.28 -2.28 14.97
N LEU A 103 10.85 -1.53 14.04
CA LEU A 103 11.32 -1.56 12.71
C LEU A 103 11.46 -0.16 12.24
N GLN A 104 10.45 0.23 11.50
CA GLN A 104 10.49 1.54 10.90
C GLN A 104 11.92 2.01 11.11
N GLU A 105 12.56 1.32 12.04
CA GLU A 105 13.96 1.61 12.37
C GLU A 105 14.89 1.13 11.23
N MET A 106 14.35 0.54 10.15
CA MET A 106 15.26 0.13 9.03
C MET A 106 14.56 -0.41 7.75
N ALA A 107 14.73 0.44 6.72
CA ALA A 107 14.23 0.31 5.32
C ALA A 107 13.93 -1.14 4.82
N GLN A 108 14.46 -1.36 3.61
CA GLN A 108 14.31 -2.61 2.79
C GLN A 108 13.16 -3.50 3.26
N ILE A 109 13.19 -3.81 4.55
CA ILE A 109 12.17 -4.69 5.14
C ILE A 109 10.95 -3.86 5.61
N ARG A 110 11.24 -2.69 6.13
CA ARG A 110 10.19 -1.76 6.57
C ARG A 110 9.25 -1.51 5.38
N ARG A 111 9.93 -1.30 4.29
CA ARG A 111 9.37 -0.97 2.98
C ARG A 111 8.20 -1.88 2.58
N LYS A 112 8.58 -3.14 2.54
CA LYS A 112 8.03 -4.49 2.33
C LYS A 112 6.69 -4.76 2.99
N PHE A 113 6.64 -4.48 4.27
CA PHE A 113 5.40 -4.63 5.04
C PHE A 113 4.43 -3.55 4.58
N GLU A 114 4.85 -2.37 5.00
CA GLU A 114 4.21 -1.10 4.68
C GLU A 114 3.35 -1.18 3.42
N LEU A 115 3.51 -2.22 2.65
CA LEU A 115 2.78 -2.55 1.44
C LEU A 115 1.30 -2.88 1.79
N PHE A 116 1.07 -3.09 3.08
CA PHE A 116 -0.21 -3.39 3.70
C PHE A 116 -0.49 -2.53 4.95
N THR A 117 -1.76 -2.27 5.18
CA THR A 117 -2.24 -1.52 6.31
C THR A 117 -2.12 -2.29 7.64
N TYR A 118 -2.64 -3.51 7.59
CA TYR A 118 -2.58 -4.31 8.84
C TYR A 118 -1.81 -5.59 8.60
N VAL A 119 -1.31 -6.15 9.53
CA VAL A 119 -0.45 -7.33 9.44
C VAL A 119 -0.53 -8.08 10.77
N ARG A 120 -0.23 -9.35 10.72
CA ARG A 120 -0.26 -10.23 11.90
C ARG A 120 0.68 -11.38 11.66
N PHE A 121 1.39 -11.75 12.73
CA PHE A 121 2.38 -12.84 12.63
C PHE A 121 3.13 -13.22 13.85
N ASP A 122 3.59 -14.49 13.80
CA ASP A 122 4.55 -15.01 14.79
C ASP A 122 5.92 -14.77 14.06
N SER A 123 7.04 -14.68 14.80
CA SER A 123 8.40 -14.35 14.17
C SER A 123 9.59 -15.36 14.49
N GLU A 124 10.59 -15.48 13.50
CA GLU A 124 11.89 -16.34 13.65
C GLU A 124 13.06 -15.38 13.81
N ILE A 125 13.35 -15.20 15.05
CA ILE A 125 14.37 -14.31 15.50
C ILE A 125 15.66 -15.03 15.66
N THR A 126 16.64 -14.38 15.14
CA THR A 126 17.97 -14.87 15.14
C THR A 126 18.94 -13.73 15.44
N LEU A 127 19.80 -14.07 16.37
CA LEU A 127 20.87 -13.21 16.89
C LEU A 127 22.20 -13.65 16.29
N VAL A 128 22.87 -12.72 15.65
CA VAL A 128 24.17 -13.03 15.01
C VAL A 128 25.30 -12.24 15.65
N PRO A 129 25.72 -12.57 16.89
CA PRO A 129 26.82 -11.87 17.53
C PRO A 129 28.09 -12.07 16.73
N CYS A 130 28.89 -11.09 16.58
CA CYS A 130 30.21 -11.01 15.96
C CYS A 130 31.12 -10.22 16.91
N ILE A 131 32.11 -10.94 17.40
CA ILE A 131 33.13 -10.46 18.33
C ILE A 131 34.41 -9.96 17.71
N ALA A 132 34.56 -8.65 17.60
CA ALA A 132 35.77 -8.04 17.05
C ALA A 132 36.78 -7.83 18.20
N GLY A 133 37.92 -8.46 17.88
CA GLY A 133 39.16 -8.53 18.67
C GLY A 133 40.01 -7.27 18.39
N ARG A 134 40.06 -6.53 19.48
CA ARG A 134 40.79 -5.25 19.47
C ARG A 134 41.98 -5.37 20.41
N GLY A 135 42.02 -6.60 20.93
CA GLY A 135 43.02 -7.09 21.87
C GLY A 135 43.78 -8.25 21.20
N ASP A 136 44.78 -8.72 21.89
CA ASP A 136 45.62 -9.85 21.52
C ASP A 136 45.04 -11.21 21.94
N ASP A 137 43.80 -11.24 22.38
CA ASP A 137 43.11 -12.47 22.81
C ASP A 137 41.75 -12.14 23.42
N ILE A 138 40.69 -12.63 22.80
CA ILE A 138 39.33 -12.35 23.30
C ILE A 138 38.70 -13.12 24.44
N GLY A 139 39.34 -14.19 24.87
CA GLY A 139 38.95 -15.05 25.97
C GLY A 139 37.65 -15.72 25.56
N HIS A 140 36.83 -15.79 26.58
CA HIS A 140 35.51 -16.45 26.58
C HIS A 140 34.47 -15.40 26.92
N ILE A 141 33.92 -14.81 25.88
CA ILE A 141 32.94 -13.74 26.12
C ILE A 141 31.50 -14.20 26.05
N VAL A 142 30.90 -14.66 27.12
CA VAL A 142 29.50 -15.05 27.27
C VAL A 142 28.56 -13.85 27.05
N MET A 143 27.32 -14.17 26.72
CA MET A 143 26.37 -13.06 26.45
C MET A 143 24.95 -13.24 26.94
N GLN A 144 24.29 -12.19 27.34
CA GLN A 144 22.90 -12.33 27.79
C GLN A 144 22.01 -11.33 27.07
N TYR A 145 21.07 -11.94 26.17
CA TYR A 145 20.01 -11.07 25.64
C TYR A 145 18.69 -11.31 26.38
N MET A 146 18.00 -10.01 26.56
CA MET A 146 16.65 -10.19 27.11
C MET A 146 15.85 -8.93 27.05
N TYR A 147 14.77 -9.45 27.07
CA TYR A 147 13.51 -8.83 26.64
C TYR A 147 12.87 -8.15 27.81
N VAL A 148 12.60 -6.89 27.60
CA VAL A 148 11.94 -6.12 28.60
C VAL A 148 10.72 -5.51 28.10
N PRO A 149 9.67 -6.20 28.40
CA PRO A 149 8.41 -5.74 28.05
C PRO A 149 8.20 -4.50 28.76
N PRO A 150 7.06 -3.92 28.56
CA PRO A 150 6.76 -2.78 29.39
C PRO A 150 6.83 -3.17 30.83
N GLY A 151 5.80 -2.93 31.50
CA GLY A 151 6.56 -1.86 32.16
C GLY A 151 7.35 -2.88 32.96
N ALA A 152 8.66 -2.71 32.92
CA ALA A 152 9.51 -3.67 33.63
C ALA A 152 10.82 -2.97 33.95
N PRO A 153 11.53 -3.44 34.94
CA PRO A 153 12.82 -2.85 35.33
C PRO A 153 13.79 -3.12 34.16
N ILE A 154 14.19 -1.99 33.61
CA ILE A 154 15.14 -1.97 32.52
C ILE A 154 16.43 -1.58 33.27
N PRO A 155 17.41 -2.41 33.01
CA PRO A 155 18.70 -2.26 33.64
C PRO A 155 19.26 -0.88 33.42
N SER A 156 19.44 -0.24 34.54
CA SER A 156 20.00 1.08 34.76
C SER A 156 21.46 1.03 34.26
N LYS A 157 21.97 -0.14 34.57
CA LYS A 157 23.35 -0.46 34.22
C LYS A 157 23.65 -1.90 34.54
N ARG A 158 24.43 -2.38 33.63
CA ARG A 158 25.00 -3.72 33.54
C ARG A 158 24.61 -4.74 34.57
N ASN A 159 24.89 -4.67 35.83
CA ASN A 159 24.40 -5.73 36.74
C ASN A 159 23.25 -5.15 37.57
N ASP A 160 22.00 -5.12 37.09
CA ASP A 160 20.95 -4.50 37.96
C ASP A 160 20.53 -5.54 38.99
N PHE A 161 19.37 -6.07 38.80
CA PHE A 161 18.84 -7.16 39.67
C PHE A 161 17.90 -7.81 38.64
N SER A 162 17.73 -7.08 37.56
CA SER A 162 16.87 -7.45 36.44
C SER A 162 17.56 -8.48 35.54
N TRP A 163 18.80 -8.76 35.89
CA TRP A 163 19.48 -9.71 34.97
C TRP A 163 19.36 -11.05 35.66
N GLN A 164 18.38 -11.12 36.54
CA GLN A 164 18.23 -12.42 37.25
C GLN A 164 17.18 -13.17 36.43
N SER A 165 16.31 -12.45 35.74
CA SER A 165 15.23 -12.92 34.89
C SER A 165 14.37 -14.02 35.49
N GLY A 166 14.11 -13.82 36.75
CA GLY A 166 13.36 -14.75 37.59
C GLY A 166 12.04 -15.09 36.89
N THR A 167 11.69 -14.15 36.03
CA THR A 167 10.41 -14.33 35.29
C THR A 167 10.41 -13.66 33.94
N ASN A 168 11.51 -13.55 33.27
CA ASN A 168 11.77 -12.90 32.01
C ASN A 168 12.60 -13.81 31.13
N MET A 169 12.67 -13.38 29.88
CA MET A 169 13.48 -14.27 29.03
C MET A 169 14.81 -13.67 28.66
N SER A 170 15.79 -14.54 28.89
CA SER A 170 17.21 -14.23 28.67
C SER A 170 17.80 -15.44 27.97
N ILE A 171 18.32 -15.20 26.81
CA ILE A 171 18.98 -16.25 25.98
C ILE A 171 20.47 -15.98 26.16
N PHE A 172 21.21 -17.07 26.26
CA PHE A 172 22.66 -17.00 26.55
C PHE A 172 23.50 -17.55 25.43
N TRP A 173 24.55 -16.89 24.96
CA TRP A 173 25.32 -17.47 23.82
C TRP A 173 26.80 -17.29 24.21
N GLN A 174 27.50 -18.39 24.06
CA GLN A 174 28.93 -18.41 24.38
C GLN A 174 29.71 -18.72 23.11
N HIS A 175 30.68 -17.89 22.87
CA HIS A 175 31.58 -18.05 21.70
C HIS A 175 31.83 -19.50 21.31
N GLY A 176 31.42 -19.81 20.06
CA GLY A 176 31.57 -21.21 19.52
C GLY A 176 30.14 -21.69 19.25
N GLN A 177 29.43 -22.09 20.30
CA GLN A 177 28.02 -22.50 20.21
C GLN A 177 27.36 -21.43 19.26
N PRO A 178 26.59 -22.05 18.37
CA PRO A 178 25.86 -21.39 17.31
C PRO A 178 24.90 -20.28 17.72
N PHE A 179 24.51 -19.69 16.59
CA PHE A 179 23.60 -18.55 16.64
C PHE A 179 22.35 -18.83 17.45
N PRO A 180 22.01 -17.92 18.31
CA PRO A 180 20.78 -18.11 19.12
C PRO A 180 19.62 -17.74 18.22
N ARG A 181 18.56 -18.50 18.29
CA ARG A 181 17.32 -18.35 17.54
C ARG A 181 16.16 -18.82 18.34
N PHE A 182 15.06 -18.30 18.02
CA PHE A 182 13.90 -18.63 18.75
C PHE A 182 12.75 -17.90 18.21
N SER A 183 11.67 -18.05 18.84
CA SER A 183 10.51 -17.55 18.23
C SER A 183 9.46 -17.10 19.15
N ILE A 184 8.46 -16.56 18.48
CA ILE A 184 7.55 -15.87 19.23
C ILE A 184 6.13 -15.67 18.74
N PRO A 185 5.23 -15.76 19.73
CA PRO A 185 3.81 -15.53 19.55
C PRO A 185 3.59 -14.13 19.11
N PHE A 186 2.43 -13.90 18.57
CA PHE A 186 2.04 -12.58 18.13
C PHE A 186 1.60 -11.78 19.35
N LEU A 187 2.43 -10.77 19.54
CA LEU A 187 2.30 -10.01 20.78
C LEU A 187 1.39 -8.84 20.65
N SER A 188 0.11 -8.78 20.53
CA SER A 188 -0.46 -7.38 20.46
C SER A 188 -1.76 -7.44 21.23
N ILE A 189 -2.19 -6.39 21.89
CA ILE A 189 -3.47 -6.44 22.62
C ILE A 189 -4.66 -6.44 21.66
N ALA A 190 -4.38 -6.06 20.45
CA ALA A 190 -5.16 -5.88 19.23
C ALA A 190 -5.20 -7.12 18.35
N SER A 191 -6.10 -7.32 17.45
CA SER A 191 -6.16 -8.60 16.74
C SER A 191 -5.06 -8.70 15.66
N ALA A 192 -4.46 -7.56 15.39
CA ALA A 192 -3.41 -7.45 14.37
C ALA A 192 -2.41 -6.32 14.72
N TYR A 193 -1.19 -6.42 14.17
CA TYR A 193 -0.15 -5.36 14.34
C TYR A 193 -0.52 -4.23 13.38
N TYR A 194 -0.59 -3.05 13.93
CA TYR A 194 -0.91 -1.84 13.19
C TYR A 194 0.40 -1.33 12.53
N MET A 195 0.54 -1.67 11.29
CA MET A 195 1.63 -1.27 10.40
C MET A 195 1.38 0.23 10.00
N PHE A 196 0.25 0.83 10.48
CA PHE A 196 -0.10 2.32 10.32
C PHE A 196 -1.15 2.75 11.36
N TYR A 197 -1.44 4.02 11.44
CA TYR A 197 -2.46 4.45 12.44
C TYR A 197 -2.88 5.87 12.19
N ASP A 198 -4.06 6.34 12.43
CA ASP A 198 -4.50 7.71 12.18
C ASP A 198 -5.18 8.16 13.48
N GLY A 199 -4.44 7.82 14.51
CA GLY A 199 -4.86 8.09 15.88
C GLY A 199 -3.73 8.79 16.61
N TYR A 200 -4.15 9.24 17.77
CA TYR A 200 -3.31 9.99 18.69
C TYR A 200 -3.40 9.48 20.13
N ASP A 201 -2.48 10.02 20.92
CA ASP A 201 -2.41 9.74 22.34
C ASP A 201 -3.65 10.30 23.06
N GLY A 202 -4.08 11.48 22.67
CA GLY A 202 -5.21 12.26 23.16
C GLY A 202 -5.48 13.58 22.45
N ASP A 203 -6.32 14.44 22.97
CA ASP A 203 -6.82 15.77 22.60
C ASP A 203 -5.83 16.93 22.85
N ASN A 204 -4.78 16.51 23.57
CA ASN A 204 -3.63 17.33 23.89
C ASN A 204 -2.99 17.59 22.47
N THR A 205 -3.01 18.92 22.34
CA THR A 205 -2.52 19.50 21.09
C THR A 205 -1.00 19.33 21.06
N SER A 206 -0.66 18.28 21.81
CA SER A 206 0.79 17.98 21.96
C SER A 206 0.87 16.46 22.12
N SER A 207 -0.24 15.86 21.69
CA SER A 207 -0.25 14.39 21.77
C SER A 207 0.45 13.78 20.55
N LYS A 208 0.80 12.52 20.74
CA LYS A 208 1.48 11.70 19.73
C LYS A 208 0.44 11.17 18.72
N TYR A 209 0.95 11.03 17.50
CA TYR A 209 0.11 10.56 16.41
C TYR A 209 0.86 9.66 15.43
N GLY A 210 0.62 8.37 15.40
CA GLY A 210 1.29 7.46 14.49
C GLY A 210 1.19 6.02 14.98
N SER A 211 2.04 5.25 14.37
CA SER A 211 2.22 3.82 14.56
C SER A 211 3.04 3.77 15.83
N VAL A 212 2.32 3.83 16.85
CA VAL A 212 3.43 4.05 17.81
C VAL A 212 2.80 4.32 19.17
N VAL A 213 1.73 5.05 19.09
CA VAL A 213 0.87 5.19 20.22
C VAL A 213 0.53 3.74 20.47
N THR A 214 0.79 3.07 19.03
CA THR A 214 0.51 1.64 19.29
C THR A 214 1.56 0.64 19.21
N ASN A 215 2.70 0.88 19.72
CA ASN A 215 3.70 -0.19 19.67
C ASN A 215 4.75 0.02 20.74
N ASP A 216 4.29 -0.12 21.97
CA ASP A 216 5.11 -0.01 23.16
C ASP A 216 5.44 -1.41 23.62
N MET A 217 6.07 -2.15 22.73
CA MET A 217 6.38 -3.49 23.08
C MET A 217 7.80 -3.76 23.31
N GLY A 218 8.27 -3.19 24.34
CA GLY A 218 9.51 -3.59 24.75
C GLY A 218 10.48 -2.60 24.97
N THR A 219 11.50 -3.28 24.54
CA THR A 219 12.82 -2.91 24.48
C THR A 219 13.67 -4.14 24.88
N ILE A 220 14.93 -3.97 24.59
CA ILE A 220 15.93 -4.98 24.84
C ILE A 220 17.17 -4.44 25.48
N CYS A 221 17.31 -4.84 26.68
CA CYS A 221 18.46 -4.53 27.46
C CYS A 221 19.40 -5.71 27.38
N SER A 222 20.58 -5.37 26.98
CA SER A 222 21.62 -6.35 26.70
C SER A 222 22.66 -6.45 27.81
N ARG A 223 23.50 -7.47 27.68
CA ARG A 223 24.56 -7.74 28.68
C ARG A 223 25.55 -8.81 28.18
N ILE A 224 27.00 -8.57 28.47
CA ILE A 224 28.16 -9.43 28.23
C ILE A 224 28.59 -9.82 29.63
N VAL A 225 27.94 -10.88 30.06
CA VAL A 225 28.10 -11.48 31.36
C VAL A 225 29.49 -11.69 31.91
N THR A 226 30.42 -12.26 31.19
CA THR A 226 31.78 -12.60 31.57
C THR A 226 32.65 -11.87 32.57
N GLU A 227 32.33 -10.64 32.89
CA GLU A 227 33.08 -9.80 33.87
C GLU A 227 34.16 -9.07 33.08
N LYS A 228 35.15 -8.57 33.79
CA LYS A 228 36.25 -7.79 33.26
C LYS A 228 37.25 -8.65 32.56
N GLN A 229 37.62 -8.20 31.39
CA GLN A 229 38.62 -8.99 30.64
C GLN A 229 39.80 -8.07 30.55
N LYS A 230 40.86 -8.61 29.97
CA LYS A 230 42.12 -7.84 29.80
C LYS A 230 42.16 -7.06 28.48
N LEU A 231 42.17 -7.87 27.43
CA LEU A 231 42.27 -7.36 26.05
C LEU A 231 40.82 -7.03 25.68
N SER A 232 40.60 -5.81 25.21
CA SER A 232 39.34 -5.25 24.79
C SER A 232 38.74 -5.98 23.58
N VAL A 233 37.52 -5.54 23.35
CA VAL A 233 36.59 -6.00 22.35
C VAL A 233 35.45 -4.97 22.15
N VAL A 234 34.85 -5.38 21.06
CA VAL A 234 33.63 -4.69 20.58
C VAL A 234 32.77 -5.80 19.98
N ILE A 235 31.55 -5.78 20.52
CA ILE A 235 30.54 -6.74 20.07
C ILE A 235 29.41 -5.98 19.33
N THR A 236 29.09 -6.73 18.29
CA THR A 236 28.08 -6.35 17.30
C THR A 236 27.22 -7.59 17.09
N THR A 237 26.09 -7.48 17.78
CA THR A 237 25.09 -8.58 17.71
C THR A 237 23.95 -8.11 16.82
N HIS A 238 23.91 -8.62 15.62
CA HIS A 238 22.91 -8.34 14.57
C HIS A 238 21.58 -9.05 14.89
N ILE A 239 20.50 -8.32 14.69
CA ILE A 239 19.15 -8.84 14.93
C ILE A 239 18.32 -8.98 13.63
N TYR A 240 18.21 -10.22 13.18
CA TYR A 240 17.40 -10.59 12.01
C TYR A 240 15.98 -10.97 12.43
N HIS A 241 15.01 -10.83 11.54
CA HIS A 241 13.61 -11.11 11.83
C HIS A 241 12.90 -11.64 10.59
N LYS A 242 12.15 -12.68 10.90
CA LYS A 242 11.31 -13.47 10.00
C LYS A 242 9.89 -13.66 10.58
N ALA A 243 9.05 -13.48 9.56
CA ALA A 243 7.58 -13.58 9.67
C ALA A 243 7.09 -14.91 9.09
N LYS A 244 6.63 -15.68 10.08
CA LYS A 244 6.09 -17.02 9.91
C LYS A 244 4.66 -17.05 10.43
N HIS A 245 3.78 -17.52 9.59
CA HIS A 245 2.37 -17.69 9.81
C HIS A 245 1.68 -16.35 9.72
N THR A 246 2.04 -15.64 8.71
CA THR A 246 1.51 -14.28 8.44
C THR A 246 0.19 -14.10 7.66
N LYS A 247 -0.54 -13.02 8.00
CA LYS A 247 -1.75 -12.57 7.34
C LYS A 247 -1.70 -11.06 7.03
N ALA A 248 -2.34 -10.70 5.92
CA ALA A 248 -2.30 -9.25 5.63
C ALA A 248 -3.62 -8.80 5.06
N TRP A 249 -4.02 -7.62 5.42
CA TRP A 249 -5.19 -6.86 5.13
C TRP A 249 -4.97 -5.47 4.54
N CYS A 250 -5.73 -5.13 3.54
CA CYS A 250 -5.75 -3.88 2.82
C CYS A 250 -4.40 -3.34 2.33
N PRO A 251 -3.97 -3.79 1.17
CA PRO A 251 -2.76 -3.37 0.49
C PRO A 251 -2.81 -1.85 0.15
N ARG A 252 -1.56 -1.40 0.17
CA ARG A 252 -1.20 -0.04 -0.08
C ARG A 252 -0.10 0.10 -1.14
N PRO A 253 -0.12 1.32 -1.67
CA PRO A 253 0.87 1.73 -2.67
C PRO A 253 2.24 1.68 -2.00
N PRO A 254 3.28 1.13 -2.63
CA PRO A 254 4.63 1.06 -2.04
C PRO A 254 5.18 2.44 -1.75
N ARG A 255 6.32 2.48 -1.08
CA ARG A 255 6.95 3.77 -0.76
C ARG A 255 7.92 4.27 -1.82
N ALA A 256 7.91 5.52 -2.29
CA ALA A 256 8.97 5.80 -3.29
C ALA A 256 9.97 6.86 -2.81
N VAL A 257 9.69 7.35 -1.62
CA VAL A 257 10.57 8.39 -1.06
C VAL A 257 11.26 7.78 0.14
N PRO A 258 12.57 7.91 0.11
CA PRO A 258 13.45 7.42 1.18
C PRO A 258 12.96 8.05 2.47
N TYR A 259 12.60 7.25 3.45
CA TYR A 259 12.11 7.83 4.71
C TYR A 259 13.28 8.38 5.54
N THR A 260 12.93 8.72 6.77
CA THR A 260 13.84 9.28 7.78
C THR A 260 13.13 9.12 9.12
N HIS A 261 13.69 8.47 10.10
CA HIS A 261 12.88 8.36 11.34
C HIS A 261 11.83 7.29 11.02
N SER A 262 11.38 6.77 12.13
CA SER A 262 10.42 5.68 12.16
C SER A 262 9.16 6.07 12.89
N HIS A 263 8.12 5.32 12.61
CA HIS A 263 6.82 5.50 13.27
C HIS A 263 6.08 6.75 12.77
N VAL A 264 6.69 7.16 11.67
CA VAL A 264 6.29 8.34 10.92
C VAL A 264 6.44 8.12 9.41
N THR A 265 5.69 8.95 8.73
CA THR A 265 5.65 8.90 7.26
C THR A 265 6.59 9.90 6.58
N ASN A 266 6.81 10.99 7.29
CA ASN A 266 7.61 12.15 6.94
C ASN A 266 8.70 11.83 5.92
N TYR A 267 8.69 12.67 4.87
CA TYR A 267 9.73 12.43 3.86
C TYR A 267 10.67 13.61 3.76
N MET A 268 10.05 14.75 3.65
CA MET A 268 10.67 16.07 3.57
C MET A 268 12.12 15.95 4.03
N PRO A 269 12.98 15.84 3.03
CA PRO A 269 14.42 15.71 3.25
C PRO A 269 15.03 17.02 3.78
N GLU A 270 16.22 16.88 4.38
CA GLU A 270 16.95 18.06 4.94
C GLU A 270 17.52 18.78 3.71
N THR A 271 16.74 19.83 3.41
CA THR A 271 17.10 20.60 2.20
C THR A 271 16.91 19.95 0.81
N GLY A 272 17.70 18.87 0.61
CA GLY A 272 17.62 18.23 -0.71
C GLY A 272 16.19 18.19 -1.27
N ASP A 273 15.93 18.45 -2.57
CA ASP A 273 14.55 18.30 -3.09
C ASP A 273 14.04 16.83 -2.93
N VAL A 274 12.71 16.62 -2.71
CA VAL A 274 12.22 15.26 -2.53
C VAL A 274 12.44 14.53 -3.87
N THR A 275 13.21 13.49 -3.57
CA THR A 275 13.61 12.58 -4.66
C THR A 275 12.85 11.26 -4.61
N THR A 276 12.56 10.82 -5.83
CA THR A 276 11.83 9.61 -6.16
C THR A 276 12.55 8.90 -7.32
N ALA A 277 12.17 7.64 -7.44
CA ALA A 277 12.74 6.76 -8.46
C ALA A 277 12.42 7.11 -9.92
N ILE A 278 11.35 7.85 -10.14
CA ILE A 278 11.05 8.17 -11.54
C ILE A 278 12.18 8.86 -12.29
N VAL A 279 12.33 8.33 -13.52
CA VAL A 279 13.37 8.86 -14.45
C VAL A 279 12.78 9.83 -15.44
N ARG A 280 13.57 10.73 -16.02
CA ARG A 280 13.07 11.72 -16.98
C ARG A 280 13.37 11.33 -18.42
N ARG A 281 12.36 11.70 -19.19
CA ARG A 281 12.44 11.39 -20.65
C ARG A 281 12.57 12.69 -21.41
N ASN A 282 13.22 12.57 -22.58
CA ASN A 282 13.36 13.77 -23.44
C ASN A 282 11.98 14.07 -24.06
N THR A 283 11.46 12.97 -24.57
CA THR A 283 10.18 12.91 -25.27
C THR A 283 9.35 11.67 -25.06
N ILE A 284 8.04 11.95 -25.06
CA ILE A 284 7.18 10.77 -24.94
C ILE A 284 7.28 9.94 -26.20
N THR A 285 7.47 10.56 -27.33
CA THR A 285 7.54 9.88 -28.60
C THR A 285 8.55 8.78 -28.70
N THR A 286 9.66 8.77 -28.01
CA THR A 286 10.58 7.62 -28.20
C THR A 286 10.95 7.08 -26.85
N ALA A 287 10.89 5.77 -26.69
CA ALA A 287 11.25 5.23 -25.38
C ALA A 287 12.65 4.66 -25.27
N ASP B 11 -28.18 -0.39 -16.37
CA ASP B 11 -28.65 0.99 -16.42
C ASP B 11 -27.85 1.80 -15.38
N ARG B 12 -27.60 3.06 -15.76
CA ARG B 12 -26.88 3.90 -14.81
C ARG B 12 -27.73 4.52 -13.69
N ILE B 13 -28.95 5.01 -13.91
CA ILE B 13 -29.67 5.63 -12.80
C ILE B 13 -29.56 4.94 -11.45
N MET B 14 -29.48 5.69 -10.37
CA MET B 14 -29.42 5.02 -9.04
C MET B 14 -30.23 5.75 -7.99
N GLN B 15 -30.73 4.98 -7.06
CA GLN B 15 -31.55 5.51 -5.98
C GLN B 15 -31.00 5.04 -4.65
N ILE B 16 -30.88 5.88 -3.67
CA ILE B 16 -30.35 5.34 -2.42
C ILE B 16 -31.17 5.89 -1.30
N THR B 17 -31.50 5.07 -0.34
CA THR B 17 -32.34 5.63 0.76
C THR B 17 -31.66 5.13 2.03
N ARG B 18 -31.38 6.11 2.91
CA ARG B 18 -30.67 5.88 4.14
C ARG B 18 -31.38 6.31 5.40
N GLY B 19 -31.98 7.48 5.38
CA GLY B 19 -32.69 7.77 6.68
C GLY B 19 -34.15 7.95 6.23
N ASP B 20 -34.47 9.16 6.54
CA ASP B 20 -35.60 10.03 6.34
C ASP B 20 -35.17 10.83 5.07
N SER B 21 -34.00 10.45 4.64
CA SER B 21 -33.23 10.89 3.50
C SER B 21 -33.03 9.86 2.37
N THR B 22 -33.08 10.37 1.16
CA THR B 22 -32.90 9.66 -0.10
C THR B 22 -32.10 10.54 -1.04
N ILE B 23 -31.34 10.00 -1.94
CA ILE B 23 -30.52 10.67 -2.92
C ILE B 23 -30.76 10.03 -4.30
N SER B 24 -30.78 10.82 -5.36
CA SER B 24 -31.00 10.19 -6.69
C SER B 24 -29.86 10.72 -7.56
N SER B 25 -29.66 10.02 -8.64
CA SER B 25 -28.65 10.22 -9.67
C SER B 25 -28.99 9.61 -11.05
N ASP B 26 -29.47 10.44 -11.94
CA ASP B 26 -29.87 10.08 -13.29
C ASP B 26 -28.74 9.58 -14.21
N ASP B 27 -27.58 9.44 -13.64
CA ASP B 27 -26.33 9.02 -14.32
C ASP B 27 -25.29 8.54 -13.31
N VAL B 28 -24.49 7.52 -13.54
CA VAL B 28 -23.54 7.02 -12.54
C VAL B 28 -22.57 5.98 -13.18
N ALA B 29 -21.54 5.69 -12.40
CA ALA B 29 -20.50 4.69 -12.62
C ALA B 29 -20.67 3.79 -11.36
N ASN B 30 -21.43 2.76 -11.69
CA ASN B 30 -21.81 1.72 -10.74
C ASN B 30 -21.84 2.26 -9.33
N ALA B 31 -21.23 1.60 -8.39
CA ALA B 31 -21.09 1.88 -6.98
C ALA B 31 -20.02 0.87 -6.60
N VAL B 32 -19.45 1.17 -5.44
CA VAL B 32 -18.35 0.27 -5.03
C VAL B 32 -18.50 -0.03 -3.56
N VAL B 33 -18.24 -1.28 -3.29
CA VAL B 33 -18.29 -1.77 -1.90
C VAL B 33 -16.83 -2.05 -1.54
N GLY B 34 -16.41 -1.35 -0.53
CA GLY B 34 -15.03 -1.41 -0.06
C GLY B 34 -14.69 -2.81 0.42
N TYR B 35 -13.76 -3.41 -0.28
CA TYR B 35 -13.22 -4.73 0.01
C TYR B 35 -14.19 -5.89 -0.07
N GLY B 36 -15.21 -5.54 -0.85
CA GLY B 36 -16.38 -6.30 -1.22
C GLY B 36 -17.16 -6.70 0.03
N VAL B 37 -17.10 -5.90 1.06
CA VAL B 37 -17.81 -6.26 2.27
C VAL B 37 -18.86 -5.19 2.56
N TRP B 38 -20.02 -5.67 2.93
CA TRP B 38 -21.10 -4.73 3.27
C TRP B 38 -21.07 -4.55 4.78
N PRO B 39 -21.14 -3.28 5.11
CA PRO B 39 -21.17 -2.77 6.47
C PRO B 39 -22.37 -3.33 7.23
N HIS B 40 -22.04 -3.72 8.43
CA HIS B 40 -23.00 -4.29 9.38
C HIS B 40 -22.51 -4.15 10.81
N TYR B 41 -23.34 -4.60 11.72
CA TYR B 41 -23.18 -4.55 13.15
C TYR B 41 -22.29 -5.69 13.64
N LEU B 42 -21.61 -5.34 14.69
CA LEU B 42 -20.70 -6.16 15.44
C LEU B 42 -21.40 -7.34 16.11
N THR B 43 -20.67 -8.41 15.99
CA THR B 43 -20.85 -9.78 16.41
C THR B 43 -20.20 -10.13 17.75
N PRO B 44 -20.94 -10.80 18.60
CA PRO B 44 -20.53 -11.28 19.91
C PRO B 44 -19.32 -12.24 19.90
N GLN B 45 -18.72 -12.35 18.73
CA GLN B 45 -17.57 -13.22 18.61
C GLN B 45 -16.31 -12.35 18.62
N ASP B 46 -16.34 -11.41 17.69
CA ASP B 46 -15.20 -10.51 17.54
C ASP B 46 -15.30 -9.41 18.60
N ALA B 47 -16.41 -9.31 19.25
CA ALA B 47 -16.52 -8.26 20.27
C ALA B 47 -15.53 -8.42 21.40
N THR B 48 -15.55 -7.38 22.24
CA THR B 48 -14.73 -7.29 23.44
C THR B 48 -15.27 -6.56 24.67
N ALA B 49 -15.99 -5.50 24.46
CA ALA B 49 -16.61 -4.60 25.43
C ALA B 49 -17.63 -5.30 26.30
N ILE B 50 -18.42 -4.80 27.21
CA ILE B 50 -19.33 -5.81 27.87
C ILE B 50 -20.72 -5.29 27.94
N ASN B 51 -20.82 -4.00 27.71
CA ASN B 51 -22.07 -3.25 27.78
C ASN B 51 -22.84 -3.40 26.47
N LYS B 52 -24.11 -3.11 26.56
CA LYS B 52 -25.07 -3.17 25.47
C LYS B 52 -24.91 -1.88 24.68
N PRO B 53 -24.40 -1.92 23.45
CA PRO B 53 -24.25 -0.76 22.59
C PRO B 53 -25.55 -0.04 22.25
N THR B 54 -25.50 1.29 22.13
CA THR B 54 -26.74 2.00 21.75
C THR B 54 -26.64 2.03 20.23
N GLN B 55 -27.73 1.64 19.60
CA GLN B 55 -27.72 1.69 18.13
C GLN B 55 -28.86 2.54 17.59
N PRO B 56 -28.58 3.81 17.41
CA PRO B 56 -29.52 4.80 16.83
C PRO B 56 -29.62 4.33 15.39
N ASP B 57 -30.88 4.19 15.09
CA ASP B 57 -31.15 3.62 13.74
C ASP B 57 -31.74 4.72 12.91
N THR B 58 -31.42 4.96 11.67
CA THR B 58 -32.26 6.03 11.03
C THR B 58 -32.02 7.43 11.53
N SER B 59 -32.16 7.65 12.83
CA SER B 59 -32.01 8.99 13.43
C SER B 59 -30.54 9.37 13.37
N SER B 60 -29.79 8.30 13.18
CA SER B 60 -28.36 8.51 13.17
C SER B 60 -27.67 8.19 11.89
N ASN B 61 -27.93 6.97 11.47
CA ASN B 61 -27.25 6.53 10.21
C ASN B 61 -28.21 6.87 9.08
N ARG B 62 -28.09 8.11 8.67
CA ARG B 62 -28.77 8.85 7.63
C ARG B 62 -27.83 9.68 6.76
N PHE B 63 -28.37 10.23 5.69
CA PHE B 63 -27.67 11.06 4.73
C PHE B 63 -27.39 12.54 4.93
N TYR B 64 -26.33 12.79 5.68
CA TYR B 64 -25.75 14.09 6.00
C TYR B 64 -24.92 14.59 4.80
N THR B 65 -25.15 15.83 4.50
CA THR B 65 -24.40 16.45 3.39
C THR B 65 -23.55 17.52 4.03
N LEU B 66 -22.31 17.64 3.63
CA LEU B 66 -21.31 18.58 4.13
C LEU B 66 -21.46 19.91 3.39
N GLU B 67 -20.42 20.69 3.59
CA GLU B 67 -20.14 22.00 3.02
C GLU B 67 -19.68 21.81 1.55
N SER B 68 -20.07 22.65 0.61
CA SER B 68 -19.66 22.37 -0.76
C SER B 68 -18.35 23.10 -1.10
N LYS B 69 -17.81 22.66 -2.21
CA LYS B 69 -16.55 23.24 -2.68
C LYS B 69 -16.51 23.55 -4.16
N HIS B 70 -15.63 24.43 -4.58
CA HIS B 70 -15.40 24.88 -5.93
C HIS B 70 -14.38 24.09 -6.73
N TRP B 71 -14.74 23.79 -7.97
CA TRP B 71 -13.68 23.03 -8.72
C TRP B 71 -13.03 24.01 -9.71
N ASN B 72 -11.80 24.38 -9.34
CA ASN B 72 -10.86 25.26 -9.99
C ASN B 72 -9.87 24.68 -11.01
N GLY B 73 -9.37 25.62 -11.81
CA GLY B 73 -8.37 25.16 -12.83
C GLY B 73 -6.98 25.27 -12.15
N SER B 74 -7.18 25.69 -10.90
CA SER B 74 -6.09 25.92 -9.97
C SER B 74 -6.34 25.04 -8.75
N SER B 75 -7.44 24.30 -8.82
CA SER B 75 -7.71 23.45 -7.65
C SER B 75 -6.63 22.39 -7.68
N LYS B 76 -6.29 21.93 -6.47
CA LYS B 76 -5.23 20.92 -6.31
C LYS B 76 -5.69 19.63 -5.66
N GLY B 77 -6.75 19.76 -4.86
CA GLY B 77 -7.31 18.58 -4.19
C GLY B 77 -7.75 18.91 -2.78
N TRP B 78 -8.72 18.16 -2.28
CA TRP B 78 -9.26 18.34 -0.93
C TRP B 78 -9.67 17.03 -0.28
N TRP B 79 -9.42 16.82 1.00
CA TRP B 79 -9.76 15.66 1.81
C TRP B 79 -10.60 16.01 3.04
N TRP B 80 -11.33 15.04 3.51
CA TRP B 80 -12.18 14.98 4.67
C TRP B 80 -11.87 13.63 5.36
N LYS B 81 -11.87 13.69 6.66
CA LYS B 81 -11.61 12.49 7.47
C LYS B 81 -12.97 12.23 8.12
N LEU B 82 -13.49 11.10 7.74
CA LEU B 82 -14.78 10.61 8.18
C LEU B 82 -15.24 10.54 9.62
N PRO B 83 -14.49 9.85 10.49
CA PRO B 83 -15.06 9.79 11.90
C PRO B 83 -15.31 11.19 12.43
N ASP B 84 -14.58 12.13 11.89
CA ASP B 84 -14.42 13.52 12.08
C ASP B 84 -15.28 14.41 11.23
N ALA B 85 -15.54 14.13 9.99
CA ALA B 85 -16.33 15.04 9.16
C ALA B 85 -17.68 15.24 9.80
N LEU B 86 -18.21 14.29 10.55
CA LEU B 86 -19.57 14.48 11.16
C LEU B 86 -19.58 14.74 12.65
N LYS B 87 -18.53 15.36 13.11
CA LYS B 87 -18.40 15.69 14.54
C LYS B 87 -19.44 16.74 14.83
N ASP B 88 -20.45 16.96 14.01
CA ASP B 88 -21.41 18.02 14.29
C ASP B 88 -22.81 17.75 13.81
N MET B 89 -22.76 16.80 12.91
CA MET B 89 -23.93 16.20 12.25
C MET B 89 -24.72 15.61 13.43
N GLY B 90 -25.89 16.16 13.69
CA GLY B 90 -26.84 15.83 14.74
C GLY B 90 -27.09 14.34 14.98
N ILE B 91 -27.10 14.03 16.27
CA ILE B 91 -27.31 12.70 16.79
C ILE B 91 -25.98 11.98 16.52
N PHE B 92 -25.82 11.35 15.42
CA PHE B 92 -24.52 10.66 15.27
C PHE B 92 -23.41 11.39 16.01
N GLY B 93 -23.22 12.61 15.57
CA GLY B 93 -22.16 13.48 16.12
C GLY B 93 -22.31 14.00 17.53
N GLU B 94 -23.10 13.37 18.33
CA GLU B 94 -23.36 13.73 19.71
C GLU B 94 -23.07 12.49 20.54
N ASN B 95 -23.46 11.42 19.93
CA ASN B 95 -23.35 10.05 20.41
C ASN B 95 -21.86 9.72 20.36
N MET B 96 -21.22 10.63 19.68
CA MET B 96 -19.79 10.40 19.44
C MET B 96 -18.96 10.82 20.60
N TYR B 97 -19.54 11.89 21.07
CA TYR B 97 -19.00 12.69 22.18
C TYR B 97 -19.42 12.27 23.55
N TYR B 98 -20.45 11.48 23.59
CA TYR B 98 -21.02 10.95 24.83
C TYR B 98 -20.53 9.57 25.20
N HIS B 99 -19.96 8.95 24.19
CA HIS B 99 -19.43 7.59 24.26
C HIS B 99 -17.96 7.51 23.94
N PHE B 100 -17.38 6.49 24.53
CA PHE B 100 -15.94 6.21 24.32
C PHE B 100 -15.81 5.41 23.02
N LEU B 101 -16.45 4.26 23.04
CA LEU B 101 -16.43 3.40 21.85
C LEU B 101 -17.59 3.78 20.93
N GLY B 102 -17.15 3.85 19.67
CA GLY B 102 -17.97 4.16 18.52
C GLY B 102 -17.43 3.26 17.40
N ARG B 103 -18.37 2.79 16.61
CA ARG B 103 -18.07 1.97 15.45
C ARG B 103 -19.21 2.29 14.45
N SER B 104 -18.83 2.35 13.18
CA SER B 104 -19.73 2.64 12.09
C SER B 104 -19.08 2.60 10.72
N GLY B 105 -19.89 2.26 9.76
CA GLY B 105 -19.53 2.22 8.34
C GLY B 105 -20.29 3.35 7.64
N TYR B 106 -19.87 3.68 6.45
CA TYR B 106 -20.42 4.74 5.63
C TYR B 106 -20.68 4.43 4.16
N THR B 107 -21.33 5.33 3.48
CA THR B 107 -21.79 5.55 2.13
C THR B 107 -21.36 6.96 1.73
N VAL B 108 -20.62 7.08 0.68
CA VAL B 108 -20.15 8.38 0.24
C VAL B 108 -20.75 8.76 -1.09
N HIS B 109 -21.62 9.75 -1.14
CA HIS B 109 -22.17 10.19 -2.42
C HIS B 109 -21.48 11.49 -2.82
N VAL B 110 -20.66 11.37 -3.86
CA VAL B 110 -19.93 12.53 -4.38
C VAL B 110 -20.60 13.04 -5.63
N GLN B 111 -21.24 14.17 -5.57
CA GLN B 111 -21.95 14.84 -6.66
C GLN B 111 -21.10 15.97 -7.21
N CYS B 112 -21.04 16.15 -8.53
CA CYS B 112 -20.24 17.20 -9.20
C CYS B 112 -20.72 17.28 -10.64
N ASN B 113 -21.70 18.09 -10.93
CA ASN B 113 -22.13 18.11 -12.35
C ASN B 113 -21.65 19.43 -12.94
N ALA B 114 -21.79 19.48 -14.22
CA ALA B 114 -21.41 20.59 -15.10
C ALA B 114 -22.11 20.12 -16.36
N SER B 115 -21.76 20.57 -17.51
CA SER B 115 -22.34 20.13 -18.77
C SER B 115 -21.53 19.14 -19.60
N LYS B 116 -22.16 18.71 -20.67
CA LYS B 116 -21.49 17.84 -21.64
C LYS B 116 -20.52 18.68 -22.51
N PHE B 117 -20.30 19.90 -22.10
CA PHE B 117 -19.39 20.74 -22.92
C PHE B 117 -18.15 21.09 -22.10
N HIS B 118 -18.14 20.52 -20.92
CA HIS B 118 -17.10 20.59 -19.91
C HIS B 118 -16.20 19.35 -20.04
N GLN B 119 -15.03 19.45 -19.48
CA GLN B 119 -14.04 18.35 -19.53
C GLN B 119 -13.39 18.46 -18.18
N GLY B 120 -13.26 17.37 -17.48
CA GLY B 120 -12.67 17.29 -16.13
C GLY B 120 -12.73 15.84 -15.68
N THR B 121 -11.91 15.54 -14.71
CA THR B 121 -11.74 14.24 -14.08
C THR B 121 -11.35 14.28 -12.62
N LEU B 122 -12.19 13.70 -11.79
CA LEU B 122 -11.88 13.64 -10.35
C LEU B 122 -11.66 12.20 -9.89
N LEU B 123 -10.61 12.02 -9.14
CA LEU B 123 -10.31 10.67 -8.61
C LEU B 123 -10.80 10.71 -7.16
N VAL B 124 -11.67 9.81 -6.80
CA VAL B 124 -12.20 9.74 -5.43
C VAL B 124 -11.71 8.45 -4.82
N ALA B 125 -11.29 8.46 -3.60
CA ALA B 125 -10.77 7.26 -2.92
C ALA B 125 -10.91 7.32 -1.43
N MET B 126 -11.08 6.20 -0.81
CA MET B 126 -11.20 6.15 0.66
C MET B 126 -9.92 5.49 1.11
N ILE B 127 -9.47 5.66 2.30
CA ILE B 127 -8.21 5.01 2.65
C ILE B 127 -8.17 4.58 4.08
N PRO B 128 -7.95 3.32 4.34
CA PRO B 128 -7.84 2.89 5.75
C PRO B 128 -6.57 3.53 6.30
N GLU B 129 -6.49 3.84 7.56
CA GLU B 129 -5.38 4.49 8.28
C GLU B 129 -4.47 5.32 7.38
N HIS B 130 -4.84 6.58 7.15
CA HIS B 130 -4.16 7.51 6.30
C HIS B 130 -3.23 8.42 7.05
N GLN B 131 -2.21 7.81 7.62
CA GLN B 131 -1.21 8.56 8.41
C GLN B 131 -0.53 9.56 7.46
N LEU B 132 -0.89 10.83 7.57
CA LEU B 132 -0.31 11.89 6.75
C LEU B 132 1.11 12.21 7.31
N ALA B 133 1.83 12.87 6.42
CA ALA B 133 3.21 13.29 6.69
C ALA B 133 3.25 14.80 6.86
N SER B 134 4.23 15.19 7.69
CA SER B 134 4.39 16.64 7.89
C SER B 134 5.34 17.13 6.76
N ALA B 135 4.87 18.33 6.42
CA ALA B 135 5.43 19.19 5.40
C ALA B 135 6.86 19.67 5.66
N LYS B 136 7.17 19.55 6.93
CA LYS B 136 8.49 19.92 7.50
C LYS B 136 9.30 18.69 7.82
N HIS B 137 10.57 18.76 7.48
CA HIS B 137 11.41 17.58 7.81
C HIS B 137 11.51 17.39 9.32
N GLY B 138 11.65 16.16 9.80
CA GLY B 138 11.82 15.91 11.23
C GLY B 138 10.99 14.73 11.66
N SER B 139 10.73 14.68 12.94
CA SER B 139 9.97 13.62 13.60
C SER B 139 8.70 14.17 14.21
N VAL B 140 8.39 15.37 13.75
CA VAL B 140 7.16 16.06 14.31
C VAL B 140 6.01 15.65 13.40
N THR B 141 5.06 15.08 14.08
CA THR B 141 3.88 14.55 13.38
C THR B 141 2.85 15.59 13.18
N ALA B 142 1.99 15.38 12.20
CA ALA B 142 0.93 16.40 12.01
C ALA B 142 0.24 16.59 13.35
N GLY B 143 -0.31 17.76 13.58
CA GLY B 143 -1.08 18.16 14.78
C GLY B 143 -2.52 17.58 14.76
N TYR B 144 -3.16 17.58 15.93
CA TYR B 144 -4.52 17.01 16.05
C TYR B 144 -5.40 17.89 15.20
N LYS B 145 -5.67 19.02 15.79
CA LYS B 145 -6.46 20.14 15.38
C LYS B 145 -6.40 20.43 13.89
N LEU B 146 -5.42 19.81 13.18
CA LEU B 146 -5.35 20.07 11.74
C LEU B 146 -5.70 18.79 10.97
N THR B 147 -5.90 17.70 11.64
CA THR B 147 -6.29 16.48 10.90
C THR B 147 -7.75 16.24 11.33
N HIS B 148 -8.23 17.31 11.94
CA HIS B 148 -9.59 17.30 12.47
C HIS B 148 -10.43 18.48 12.03
N PRO B 149 -10.30 18.75 10.74
CA PRO B 149 -11.04 19.83 10.08
C PRO B 149 -12.56 19.70 10.24
N GLY B 150 -13.33 18.73 9.78
CA GLY B 150 -14.80 18.79 10.09
C GLY B 150 -15.47 18.81 8.72
N GLU B 151 -16.71 19.19 8.66
CA GLU B 151 -17.43 19.22 7.38
C GLU B 151 -16.59 19.85 6.29
N ALA B 152 -16.06 20.99 6.67
CA ALA B 152 -15.20 21.81 5.85
C ALA B 152 -14.04 21.13 5.13
N GLY B 153 -13.52 20.03 5.60
CA GLY B 153 -12.39 19.36 4.94
C GLY B 153 -11.11 20.18 5.00
N ARG B 154 -10.08 19.80 4.25
CA ARG B 154 -8.77 20.43 4.18
C ARG B 154 -8.28 20.46 2.76
N ASP B 155 -7.31 21.25 2.46
CA ASP B 155 -6.42 21.71 1.44
C ASP B 155 -7.05 22.82 0.60
N VAL B 156 -7.58 22.39 -0.51
CA VAL B 156 -8.24 23.30 -1.48
C VAL B 156 -7.17 23.71 -2.53
N SER B 157 -6.16 24.23 -1.86
CA SER B 157 -4.90 24.81 -2.19
C SER B 157 -4.87 26.07 -1.30
N GLN B 158 -4.58 25.69 -0.05
CA GLN B 158 -4.57 26.81 0.88
C GLN B 158 -3.22 26.99 1.52
N GLU B 159 -3.21 28.17 2.08
CA GLU B 159 -2.19 28.86 2.84
C GLU B 159 -2.41 28.75 4.35
N ARG B 160 -1.21 28.62 4.99
CA ARG B 160 -1.27 28.48 6.48
C ARG B 160 0.00 28.59 7.29
N ASP B 161 -0.07 28.74 8.62
CA ASP B 161 1.10 28.84 9.53
C ASP B 161 1.99 27.61 9.42
N ALA B 162 3.25 27.99 9.34
CA ALA B 162 4.20 26.82 9.21
C ALA B 162 4.72 26.46 10.59
N SER B 163 4.10 27.21 11.54
CA SER B 163 4.44 26.97 12.96
C SER B 163 3.68 25.72 13.49
N LEU B 164 2.57 25.52 12.73
CA LEU B 164 1.72 24.39 13.07
C LEU B 164 2.38 23.15 12.42
N ARG B 165 2.28 22.14 13.31
CA ARG B 165 2.79 20.79 12.99
C ARG B 165 1.69 20.32 12.00
N GLN B 166 1.81 20.91 10.84
CA GLN B 166 1.05 20.91 9.62
C GLN B 166 1.44 19.81 8.67
N PRO B 167 0.43 19.15 8.15
CA PRO B 167 0.65 18.06 7.22
C PRO B 167 1.06 18.64 5.89
N SER B 168 1.25 17.70 5.01
CA SER B 168 1.62 17.85 3.61
C SER B 168 0.33 18.01 2.79
N ASP B 169 0.27 19.20 2.23
CA ASP B 169 -0.68 19.87 1.34
C ASP B 169 -0.30 19.32 -0.08
N ASP B 170 0.80 18.55 -0.01
CA ASP B 170 1.41 17.82 -1.13
C ASP B 170 0.52 16.66 -1.66
N SER B 171 0.07 16.75 -2.89
CA SER B 171 -0.82 15.69 -3.42
C SER B 171 -0.22 14.45 -4.05
N TRP B 172 0.58 14.57 -5.09
CA TRP B 172 1.25 13.59 -5.90
C TRP B 172 1.97 12.50 -5.11
N LEU B 173 2.25 12.84 -3.88
CA LEU B 173 2.95 11.90 -2.99
C LEU B 173 1.92 11.23 -2.11
N ASN B 174 0.67 11.66 -2.33
CA ASN B 174 -0.43 11.04 -1.57
C ASN B 174 -0.45 11.59 -0.17
N PHE B 175 0.32 12.60 0.14
CA PHE B 175 0.28 13.17 1.51
C PHE B 175 0.94 12.25 2.53
N ASP B 176 1.18 11.05 2.04
CA ASP B 176 1.79 9.99 2.83
C ASP B 176 3.03 9.62 2.07
N GLY B 177 3.26 10.10 0.88
CA GLY B 177 4.54 9.70 0.23
C GLY B 177 4.61 8.29 -0.33
N THR B 178 3.70 8.12 -1.27
CA THR B 178 3.36 6.97 -2.08
C THR B 178 2.84 7.52 -3.41
N LEU B 179 3.53 7.38 -4.51
CA LEU B 179 3.04 7.95 -5.78
C LEU B 179 1.54 7.77 -6.00
N LEU B 180 0.81 8.87 -5.88
CA LEU B 180 -0.65 8.90 -6.11
C LEU B 180 -0.78 8.15 -7.43
N GLY B 181 -1.67 7.22 -7.65
CA GLY B 181 -1.68 6.60 -9.00
C GLY B 181 -1.54 5.11 -8.70
N ASN B 182 -1.17 4.90 -7.46
CA ASN B 182 -1.01 3.53 -6.94
C ASN B 182 -2.10 3.52 -5.85
N LEU B 183 -2.67 4.71 -5.82
CA LEU B 183 -3.72 5.06 -4.88
C LEU B 183 -4.91 4.27 -5.33
N LEU B 184 -4.86 3.82 -6.54
CA LEU B 184 -5.97 3.05 -7.13
C LEU B 184 -6.20 1.73 -6.43
N ILE B 185 -5.33 1.45 -5.51
CA ILE B 185 -5.32 0.24 -4.67
C ILE B 185 -6.37 0.42 -3.59
N PHE B 186 -6.59 1.65 -3.19
CA PHE B 186 -7.60 1.95 -2.17
C PHE B 186 -8.91 1.93 -2.97
N PRO B 187 -9.98 1.72 -2.22
CA PRO B 187 -11.34 1.66 -2.85
C PRO B 187 -11.53 3.00 -3.52
N HIS B 188 -11.91 3.02 -4.78
CA HIS B 188 -12.08 4.26 -5.55
C HIS B 188 -12.93 4.22 -6.80
N GLN B 189 -12.96 5.33 -7.47
CA GLN B 189 -13.64 5.61 -8.74
C GLN B 189 -13.36 7.08 -9.07
N PHE B 190 -13.66 7.43 -10.28
CA PHE B 190 -13.46 8.78 -10.80
C PHE B 190 -14.84 9.35 -11.12
N ILE B 191 -14.72 10.61 -11.54
CA ILE B 191 -15.85 11.42 -11.97
C ILE B 191 -15.44 12.13 -13.27
N ASN B 192 -15.47 11.37 -14.33
CA ASN B 192 -15.15 11.87 -15.69
C ASN B 192 -16.42 12.54 -16.21
N LEU B 193 -16.41 13.85 -16.11
CA LEU B 193 -17.54 14.70 -16.48
C LEU B 193 -18.21 14.37 -17.81
N ARG B 194 -17.64 13.44 -18.54
CA ARG B 194 -18.16 13.10 -19.88
C ARG B 194 -19.03 11.86 -19.87
N SER B 195 -19.04 11.21 -18.72
CA SER B 195 -19.85 9.99 -18.60
C SER B 195 -20.52 10.01 -17.24
N ASN B 196 -19.72 10.21 -16.23
CA ASN B 196 -20.08 10.29 -14.83
C ASN B 196 -20.85 11.52 -14.37
N ASN B 197 -21.29 11.48 -13.11
CA ASN B 197 -22.02 12.59 -12.49
C ASN B 197 -21.71 12.71 -11.01
N SER B 198 -21.50 11.57 -10.43
CA SER B 198 -21.19 11.22 -9.08
C SER B 198 -20.17 10.08 -8.99
N ALA B 199 -20.04 9.67 -7.77
CA ALA B 199 -19.18 8.57 -7.34
C ALA B 199 -19.82 8.14 -6.02
N THR B 200 -19.94 6.82 -6.01
CA THR B 200 -20.53 6.19 -4.80
C THR B 200 -19.67 5.11 -4.19
N LEU B 201 -19.18 5.38 -3.01
CA LEU B 201 -18.38 4.50 -2.20
C LEU B 201 -19.25 4.14 -1.00
N ILE B 202 -19.22 2.89 -0.62
CA ILE B 202 -19.89 2.23 0.48
C ILE B 202 -18.73 1.53 1.19
N VAL B 203 -18.68 1.60 2.50
CA VAL B 203 -17.49 0.98 3.13
C VAL B 203 -17.72 0.47 4.52
N PRO B 204 -17.37 -0.79 4.78
CA PRO B 204 -17.51 -1.40 6.10
C PRO B 204 -16.52 -0.81 7.09
N TYR B 205 -16.46 -1.34 8.29
CA TYR B 205 -15.59 -0.89 9.38
C TYR B 205 -14.26 -1.64 9.42
N VAL B 206 -13.18 -1.00 9.03
CA VAL B 206 -11.88 -1.73 9.05
C VAL B 206 -10.99 -1.17 10.13
N ASN B 207 -10.51 -2.04 11.01
CA ASN B 207 -9.62 -1.70 12.15
C ASN B 207 -9.19 -2.84 13.04
N ALA B 208 -7.95 -3.11 13.43
CA ALA B 208 -7.63 -4.22 14.32
C ALA B 208 -8.42 -4.34 15.63
N VAL B 209 -9.38 -3.49 15.88
CA VAL B 209 -10.21 -3.48 17.08
C VAL B 209 -11.69 -3.26 16.73
N PRO B 210 -12.48 -4.05 17.44
CA PRO B 210 -13.92 -4.14 17.33
C PRO B 210 -14.69 -2.85 17.41
N MET B 211 -14.17 -1.89 18.12
CA MET B 211 -14.79 -0.56 18.27
C MET B 211 -13.64 0.35 18.76
N ASP B 212 -13.39 1.41 18.04
CA ASP B 212 -12.30 2.34 18.44
C ASP B 212 -12.99 3.59 18.98
N SER B 213 -12.14 4.53 19.31
CA SER B 213 -12.36 5.88 19.83
C SER B 213 -12.76 6.75 18.65
N MET B 214 -13.98 7.24 18.71
CA MET B 214 -14.42 8.03 17.55
C MET B 214 -13.68 9.37 17.51
N LEU B 215 -13.01 9.67 18.61
CA LEU B 215 -12.35 10.97 18.69
C LEU B 215 -10.87 10.88 18.36
N ARG B 216 -10.16 9.95 18.92
CA ARG B 216 -8.73 9.90 18.66
C ARG B 216 -8.29 9.32 17.34
N HIS B 217 -9.17 8.46 16.93
CA HIS B 217 -8.91 7.71 15.71
C HIS B 217 -9.95 7.83 14.64
N ASN B 218 -9.50 8.22 13.48
CA ASN B 218 -10.28 8.38 12.25
C ASN B 218 -9.86 7.15 11.44
N ASN B 219 -10.75 6.21 11.20
CA ASN B 219 -10.44 4.94 10.47
C ASN B 219 -10.37 5.18 8.95
N TRP B 220 -11.43 5.82 8.47
CA TRP B 220 -11.55 6.20 7.07
C TRP B 220 -11.30 7.72 6.98
N CYS B 221 -10.58 7.88 5.90
CA CYS B 221 -10.02 9.03 5.21
C CYS B 221 -10.39 8.95 3.73
N LEU B 222 -10.97 10.02 3.26
CA LEU B 222 -11.44 10.21 1.89
C LEU B 222 -10.74 11.36 1.18
N VAL B 223 -10.38 11.06 -0.02
CA VAL B 223 -9.65 12.00 -0.88
C VAL B 223 -10.29 12.22 -2.22
N ILE B 224 -10.33 13.41 -2.70
CA ILE B 224 -10.87 13.65 -4.05
C ILE B 224 -9.80 14.49 -4.74
N ILE B 225 -9.29 14.06 -5.85
CA ILE B 225 -8.21 14.77 -6.54
C ILE B 225 -8.41 14.99 -8.04
N PRO B 226 -8.39 16.26 -8.38
CA PRO B 226 -8.57 16.65 -9.79
C PRO B 226 -7.37 16.04 -10.49
N ILE B 227 -7.66 15.24 -11.50
CA ILE B 227 -6.60 14.61 -12.28
C ILE B 227 -6.54 15.44 -13.56
N SER B 228 -7.60 15.37 -14.35
CA SER B 228 -7.52 16.22 -15.54
C SER B 228 -8.34 17.44 -15.15
N PRO B 229 -7.65 18.56 -15.18
CA PRO B 229 -8.16 19.90 -14.90
C PRO B 229 -9.44 20.29 -15.67
N LEU B 230 -10.31 20.91 -14.88
CA LEU B 230 -11.60 21.36 -15.42
C LEU B 230 -11.42 22.25 -16.63
N ARG B 231 -12.06 22.01 -17.76
CA ARG B 231 -11.88 22.90 -18.92
C ARG B 231 -13.16 23.14 -19.69
N SER B 232 -13.70 24.33 -19.58
CA SER B 232 -14.93 24.76 -20.28
C SER B 232 -14.41 25.90 -21.20
N GLU B 233 -15.40 26.53 -21.77
CA GLU B 233 -15.13 27.64 -22.71
C GLU B 233 -16.21 28.68 -22.42
N THR B 234 -16.79 28.49 -21.26
CA THR B 234 -17.87 29.33 -20.73
C THR B 234 -17.27 30.43 -19.83
N THR B 235 -18.29 31.23 -19.49
CA THR B 235 -18.22 32.36 -18.54
C THR B 235 -17.82 31.77 -17.17
N SER B 236 -16.73 32.31 -16.62
CA SER B 236 -16.26 31.82 -15.30
C SER B 236 -17.15 32.27 -14.13
N SER B 237 -18.37 32.55 -14.55
CA SER B 237 -19.61 32.94 -13.82
C SER B 237 -20.24 31.54 -13.53
N ASN B 238 -19.83 30.62 -14.42
CA ASN B 238 -20.25 29.21 -14.30
C ASN B 238 -19.22 28.58 -13.34
N ILE B 239 -19.82 28.32 -12.20
CA ILE B 239 -19.07 27.69 -11.09
C ILE B 239 -19.54 26.23 -11.02
N VAL B 240 -18.57 25.33 -10.88
CA VAL B 240 -18.95 23.91 -10.84
C VAL B 240 -18.42 23.40 -9.49
N PRO B 241 -19.38 23.43 -8.55
CA PRO B 241 -19.12 22.93 -7.20
C PRO B 241 -18.88 21.41 -7.32
N ILE B 242 -18.58 20.79 -6.22
CA ILE B 242 -18.32 19.50 -5.71
C ILE B 242 -18.91 19.49 -4.28
N THR B 243 -19.86 18.60 -4.17
CA THR B 243 -20.65 18.36 -2.94
C THR B 243 -20.52 16.90 -2.51
N VAL B 244 -20.21 16.74 -1.23
CA VAL B 244 -20.09 15.42 -0.60
C VAL B 244 -21.24 15.15 0.37
N SER B 245 -21.81 13.96 0.31
CA SER B 245 -22.90 13.59 1.23
C SER B 245 -22.49 12.28 1.91
N ILE B 246 -22.73 12.20 3.20
CA ILE B 246 -22.37 10.95 3.89
C ILE B 246 -23.42 10.39 4.84
N SER B 247 -23.38 9.07 4.95
CA SER B 247 -24.30 8.30 5.78
C SER B 247 -23.66 7.21 6.63
N PRO B 248 -23.64 7.52 7.94
CA PRO B 248 -23.12 6.50 8.86
C PRO B 248 -24.14 5.40 8.50
N MET B 249 -23.68 4.19 8.64
CA MET B 249 -24.48 2.97 8.41
C MET B 249 -24.14 2.03 9.57
N CYS B 250 -25.11 1.34 10.09
CA CYS B 250 -24.80 0.39 11.20
C CYS B 250 -23.94 0.96 12.33
N ALA B 251 -24.30 2.23 12.55
CA ALA B 251 -23.59 2.92 13.66
C ALA B 251 -23.97 2.10 14.91
N GLU B 252 -23.04 2.04 15.84
CA GLU B 252 -23.12 1.34 17.12
C GLU B 252 -22.20 2.13 18.04
N PHE B 253 -22.60 2.40 19.24
CA PHE B 253 -21.86 3.16 20.23
C PHE B 253 -21.94 2.46 21.58
N SER B 254 -21.12 2.90 22.49
CA SER B 254 -21.07 2.32 23.85
C SER B 254 -19.94 2.93 24.68
N GLY B 255 -20.10 2.84 25.99
CA GLY B 255 -19.09 3.43 26.90
C GLY B 255 -19.56 4.91 27.06
N ALA B 256 -20.78 4.93 27.58
CA ALA B 256 -21.62 6.07 27.91
C ALA B 256 -21.01 6.81 29.11
N ARG B 257 -21.28 8.09 29.20
CA ARG B 257 -20.70 8.84 30.34
C ARG B 257 -20.94 10.32 30.17
N ALA B 258 -20.18 11.11 30.90
CA ALA B 258 -20.28 12.58 30.81
C ALA B 258 -20.45 13.03 29.37
N LYS B 259 -19.48 13.61 28.72
CA LYS B 259 -19.46 14.16 27.36
C LYS B 259 -18.07 14.81 27.22
N ASN B 260 -17.49 14.54 26.05
CA ASN B 260 -16.17 15.09 25.77
C ASN B 260 -16.48 16.59 25.57
N ILE B 261 -15.58 17.16 24.81
CA ILE B 261 -15.63 18.62 24.50
C ILE B 261 -15.17 18.94 23.08
N LYS B 262 -15.86 19.99 22.63
CA LYS B 262 -15.58 20.46 21.24
C LYS B 262 -14.20 21.12 21.20
N GLN B 263 -13.66 21.10 19.97
CA GLN B 263 -12.28 21.60 19.75
C GLN B 263 -12.11 22.03 18.29
N GLY C 1 24.44 -43.16 22.35
CA GLY C 1 23.14 -43.17 21.66
C GLY C 1 23.23 -43.27 20.15
N LEU C 2 22.25 -42.71 19.49
CA LEU C 2 22.21 -42.75 18.04
C LEU C 2 23.47 -42.23 17.36
N PRO C 3 24.22 -43.16 16.83
CA PRO C 3 25.47 -42.87 16.08
C PRO C 3 24.98 -41.94 14.96
N VAL C 4 25.39 -40.68 15.07
CA VAL C 4 24.96 -39.68 14.10
C VAL C 4 26.15 -39.05 13.44
N TYR C 5 25.90 -38.50 12.28
CA TYR C 5 26.93 -37.83 11.47
C TYR C 5 26.34 -36.47 11.18
N ILE C 6 27.04 -35.41 11.51
CA ILE C 6 26.71 -33.99 11.37
C ILE C 6 27.15 -33.58 9.99
N THR C 7 26.15 -33.17 9.27
CA THR C 7 26.32 -32.81 7.88
C THR C 7 26.72 -31.38 7.62
N PRO C 8 27.48 -31.29 6.53
CA PRO C 8 27.95 -30.01 5.99
C PRO C 8 26.73 -29.19 5.61
N GLY C 9 26.54 -28.12 6.32
CA GLY C 9 25.57 -27.06 6.29
C GLY C 9 25.11 -26.69 7.69
N SER C 10 25.46 -27.64 8.51
CA SER C 10 25.16 -27.75 9.93
C SER C 10 25.72 -26.55 10.66
N GLY C 11 24.84 -25.96 11.47
CA GLY C 11 25.25 -24.79 12.27
C GLY C 11 25.14 -23.51 11.48
N GLN C 12 24.95 -23.60 10.19
CA GLN C 12 24.86 -22.34 9.42
C GLN C 12 23.57 -21.63 9.78
N PHE C 13 23.29 -20.55 9.11
CA PHE C 13 22.15 -19.65 9.19
C PHE C 13 21.87 -19.10 7.78
N MET C 14 20.63 -19.24 7.41
CA MET C 14 20.08 -18.83 6.12
C MET C 14 18.84 -17.98 6.35
N THR C 15 18.91 -16.87 5.66
CA THR C 15 17.81 -15.87 5.79
C THR C 15 16.59 -16.45 5.08
N THR C 16 16.78 -17.68 4.58
CA THR C 16 15.69 -18.32 3.79
C THR C 16 15.38 -19.74 4.17
N ASP C 17 15.27 -20.00 5.46
CA ASP C 17 15.04 -21.43 5.82
C ASP C 17 13.85 -21.66 6.73
N ASP C 18 13.32 -22.85 6.46
CA ASP C 18 12.13 -23.25 7.26
C ASP C 18 12.58 -24.24 8.33
N MET C 19 12.65 -23.74 9.55
CA MET C 19 12.98 -24.43 10.79
C MET C 19 12.24 -23.79 11.98
N GLN C 20 12.02 -24.69 12.92
CA GLN C 20 11.34 -24.38 14.22
C GLN C 20 12.30 -23.83 15.28
N SER C 21 11.79 -23.13 16.28
CA SER C 21 12.64 -22.52 17.33
C SER C 21 11.87 -22.48 18.62
N PRO C 22 12.52 -22.80 19.72
CA PRO C 22 11.84 -22.82 21.02
C PRO C 22 11.10 -21.53 21.15
N CYS C 23 9.84 -21.53 21.48
CA CYS C 23 9.13 -20.24 21.63
C CYS C 23 9.25 -19.69 23.06
N ALA C 24 9.93 -18.57 23.23
CA ALA C 24 10.10 -17.89 24.55
C ALA C 24 8.70 -17.53 24.98
N LEU C 25 8.25 -17.23 26.17
CA LEU C 25 6.81 -16.91 26.31
C LEU C 25 5.88 -18.12 26.13
N PRO C 26 6.23 -19.22 26.76
CA PRO C 26 5.46 -20.44 26.69
C PRO C 26 4.14 -20.09 27.40
N TRP C 27 3.16 -20.82 26.95
CA TRP C 27 1.79 -20.73 27.42
C TRP C 27 1.20 -19.39 27.05
N TYR C 28 1.44 -18.86 25.85
CA TYR C 28 0.82 -17.52 25.64
C TYR C 28 -0.25 -17.75 24.59
N HIS C 29 -1.42 -17.27 24.91
CA HIS C 29 -2.63 -17.37 24.09
C HIS C 29 -2.91 -15.98 23.53
N PRO C 30 -2.43 -15.77 22.31
CA PRO C 30 -2.61 -14.53 21.59
C PRO C 30 -4.05 -14.08 21.41
N THR C 31 -4.10 -12.73 21.37
CA THR C 31 -5.37 -12.04 21.15
C THR C 31 -6.04 -12.77 19.99
N LYS C 32 -7.33 -12.90 20.18
CA LYS C 32 -8.11 -13.64 19.15
C LYS C 32 -7.95 -12.85 17.87
N GLU C 33 -8.32 -13.47 16.77
CA GLU C 33 -8.17 -12.74 15.51
C GLU C 33 -9.50 -12.33 14.97
N ILE C 34 -9.97 -11.15 15.26
CA ILE C 34 -11.29 -10.75 14.76
C ILE C 34 -11.21 -10.66 13.25
N SER C 35 -12.42 -10.59 12.79
CA SER C 35 -12.80 -10.49 11.36
C SER C 35 -12.40 -9.14 10.81
N ILE C 36 -11.76 -8.98 9.67
CA ILE C 36 -11.35 -7.75 9.04
C ILE C 36 -11.51 -7.82 7.50
N PRO C 37 -12.35 -6.91 7.04
CA PRO C 37 -12.72 -6.80 5.65
C PRO C 37 -11.51 -6.37 4.83
N GLY C 38 -11.19 -7.32 3.99
CA GLY C 38 -10.13 -7.25 3.00
C GLY C 38 -8.82 -7.68 3.58
N GLU C 39 -8.40 -8.86 3.21
CA GLU C 39 -7.17 -9.54 3.59
C GLU C 39 -6.66 -10.09 2.24
N VAL C 40 -5.38 -10.03 2.01
CA VAL C 40 -4.71 -10.53 0.82
C VAL C 40 -4.13 -11.89 1.21
N LYS C 41 -3.82 -12.60 0.17
CA LYS C 41 -3.20 -13.93 0.29
C LYS C 41 -2.15 -14.19 -0.81
N ASN C 42 -2.15 -13.30 -1.78
CA ASN C 42 -1.28 -13.35 -2.93
C ASN C 42 -1.03 -12.03 -3.64
N LEU C 43 0.27 -11.79 -3.75
CA LEU C 43 0.70 -10.57 -4.42
C LEU C 43 -0.14 -10.39 -5.66
N ILE C 44 -0.28 -11.50 -6.32
CA ILE C 44 -1.03 -11.50 -7.60
C ILE C 44 -2.20 -10.53 -7.55
N GLU C 45 -3.08 -10.71 -6.62
CA GLU C 45 -4.25 -9.88 -6.45
C GLU C 45 -3.94 -8.41 -6.71
N MET C 46 -2.93 -7.87 -6.08
CA MET C 46 -2.46 -6.50 -6.18
C MET C 46 -1.96 -6.08 -7.55
N CYS C 47 -1.52 -7.12 -8.21
CA CYS C 47 -0.95 -7.11 -9.54
C CYS C 47 -2.04 -7.09 -10.60
N GLN C 48 -3.22 -7.46 -10.17
CA GLN C 48 -4.32 -7.47 -11.15
C GLN C 48 -5.16 -6.19 -11.11
N VAL C 49 -4.81 -5.31 -10.23
CA VAL C 49 -5.53 -4.04 -10.07
C VAL C 49 -4.71 -3.01 -10.82
N ASP C 50 -5.38 -2.35 -11.71
CA ASP C 50 -4.74 -1.30 -12.50
C ASP C 50 -4.58 -0.02 -11.66
N THR C 51 -3.30 0.27 -11.67
CA THR C 51 -2.60 1.41 -11.07
C THR C 51 -2.31 2.30 -12.29
N LEU C 52 -2.24 3.60 -12.12
CA LEU C 52 -1.96 4.64 -13.13
C LEU C 52 -0.48 4.74 -13.52
N ILE C 53 -0.32 5.10 -14.79
CA ILE C 53 1.00 5.23 -15.37
C ILE C 53 1.53 6.62 -15.69
N PRO C 54 2.69 6.87 -15.06
CA PRO C 54 3.46 8.13 -15.27
C PRO C 54 3.89 8.05 -16.72
N VAL C 55 3.62 8.91 -17.65
CA VAL C 55 4.11 8.50 -19.02
C VAL C 55 4.62 9.80 -19.59
N ASN C 56 3.95 10.81 -19.05
CA ASN C 56 4.33 12.18 -19.43
C ASN C 56 5.60 12.46 -18.58
N ASN C 57 6.45 11.49 -18.61
CA ASN C 57 7.74 11.15 -18.12
C ASN C 57 8.77 12.20 -18.51
N VAL C 58 8.22 13.40 -18.68
CA VAL C 58 8.92 14.60 -19.16
C VAL C 58 9.13 15.80 -18.26
N GLY C 59 10.41 16.12 -18.23
CA GLY C 59 11.12 17.17 -17.52
C GLY C 59 10.44 17.73 -16.29
N ASN C 60 9.95 18.95 -16.38
CA ASN C 60 9.29 19.67 -15.28
C ASN C 60 7.99 19.01 -14.78
N ASN C 61 7.37 18.33 -15.72
CA ASN C 61 6.12 17.60 -15.49
C ASN C 61 6.14 16.55 -14.38
N VAL C 62 7.19 15.78 -14.49
CA VAL C 62 7.61 14.68 -13.67
C VAL C 62 7.41 14.92 -12.19
N GLY C 63 7.94 15.92 -11.54
CA GLY C 63 7.62 15.96 -10.09
C GLY C 63 6.19 16.30 -9.71
N ASN C 64 5.34 16.62 -10.64
CA ASN C 64 3.96 17.01 -10.48
C ASN C 64 2.95 15.90 -10.71
N VAL C 65 1.71 16.13 -11.07
CA VAL C 65 0.72 15.07 -11.28
C VAL C 65 0.61 14.84 -12.78
N SER C 66 0.48 15.88 -13.53
CA SER C 66 0.42 15.89 -14.99
C SER C 66 1.15 14.70 -15.61
N MET C 67 2.22 14.38 -14.96
CA MET C 67 3.16 13.31 -15.14
C MET C 67 2.43 12.00 -15.42
N TYR C 68 1.09 12.03 -15.36
CA TYR C 68 0.06 11.01 -15.48
C TYR C 68 -0.96 11.10 -16.59
N THR C 69 -1.09 12.30 -17.08
CA THR C 69 -2.03 12.61 -18.18
C THR C 69 -1.23 12.68 -19.45
N VAL C 70 -1.85 12.56 -20.58
CA VAL C 70 -1.26 12.56 -21.92
C VAL C 70 -2.28 13.39 -22.70
N GLN C 71 -1.91 14.61 -23.04
CA GLN C 71 -2.98 15.34 -23.78
C GLN C 71 -2.87 15.03 -25.29
N LEU C 72 -4.10 14.74 -25.70
CA LEU C 72 -4.40 14.45 -27.10
C LEU C 72 -4.77 15.89 -27.56
N GLY C 73 -3.96 16.22 -28.53
CA GLY C 73 -3.88 17.47 -29.21
C GLY C 73 -4.60 17.68 -30.52
N ASN C 74 -3.99 18.71 -31.15
CA ASN C 74 -4.40 19.28 -32.44
C ASN C 74 -4.20 18.26 -33.57
N GLN C 75 -2.94 18.30 -33.99
CA GLN C 75 -2.37 17.52 -35.07
C GLN C 75 -2.86 18.00 -36.45
N THR C 76 -2.05 18.95 -36.98
CA THR C 76 -2.19 19.64 -38.32
C THR C 76 -2.03 18.55 -39.42
N GLY C 77 -0.93 17.80 -39.07
CA GLY C 77 -0.64 16.64 -39.93
C GLY C 77 -1.79 15.64 -39.59
N MET C 78 -1.61 14.49 -40.22
CA MET C 78 -2.58 13.38 -40.03
C MET C 78 -1.71 12.13 -39.91
N ALA C 79 -2.37 11.14 -39.32
CA ALA C 79 -1.74 9.85 -39.10
C ALA C 79 -0.48 10.00 -38.21
N GLN C 80 -0.50 11.14 -37.52
CA GLN C 80 0.65 11.36 -36.62
C GLN C 80 0.64 10.46 -35.39
N LYS C 81 1.78 10.39 -34.72
CA LYS C 81 1.98 9.64 -33.49
C LYS C 81 1.82 10.35 -32.16
N VAL C 82 1.31 9.63 -31.15
CA VAL C 82 1.08 10.14 -29.78
C VAL C 82 2.31 9.82 -28.92
N PHE C 83 2.33 8.70 -28.26
CA PHE C 83 3.49 8.33 -27.46
C PHE C 83 3.84 6.86 -27.68
N SER C 84 4.83 6.53 -26.88
CA SER C 84 5.41 5.19 -26.79
C SER C 84 6.09 5.06 -25.43
N ILE C 85 6.21 3.84 -24.99
CA ILE C 85 6.86 3.35 -23.79
C ILE C 85 7.27 1.93 -24.18
N LYS C 86 8.17 1.39 -23.40
CA LYS C 86 8.59 -0.01 -23.70
C LYS C 86 8.03 -0.86 -22.56
N VAL C 87 7.69 -2.07 -22.97
CA VAL C 87 7.05 -3.08 -22.16
C VAL C 87 7.76 -3.69 -20.99
N ASP C 88 9.04 -3.61 -21.02
CA ASP C 88 9.91 -4.24 -19.98
C ASP C 88 9.48 -3.68 -18.64
N ILE C 89 8.41 -4.20 -18.08
CA ILE C 89 7.80 -3.81 -16.82
C ILE C 89 8.66 -3.33 -15.67
N THR C 90 9.92 -3.02 -15.75
CA THR C 90 10.78 -2.54 -14.69
C THR C 90 11.45 -1.31 -15.34
N SER C 91 10.74 -0.66 -16.23
CA SER C 91 11.34 0.49 -16.93
C SER C 91 10.49 1.75 -16.98
N THR C 92 10.98 2.64 -16.14
CA THR C 92 10.36 4.00 -15.95
C THR C 92 9.96 4.22 -17.42
N PRO C 93 8.75 4.64 -17.72
CA PRO C 93 7.68 5.03 -16.80
C PRO C 93 7.08 3.86 -16.06
N LEU C 94 6.95 2.69 -16.63
CA LEU C 94 6.42 1.48 -15.96
C LEU C 94 7.07 1.31 -14.60
N ALA C 95 7.99 0.52 -14.21
CA ALA C 95 8.55 0.53 -12.84
C ALA C 95 7.72 1.22 -11.80
N THR C 96 7.92 2.26 -11.05
CA THR C 96 6.97 2.84 -10.08
C THR C 96 5.54 2.34 -9.92
N THR C 97 4.81 1.86 -10.89
CA THR C 97 3.48 1.29 -10.94
C THR C 97 3.36 0.13 -9.94
N LEU C 98 2.20 0.00 -9.30
CA LEU C 98 1.98 -1.06 -8.31
C LEU C 98 2.60 -2.38 -8.77
N ILE C 99 2.54 -2.62 -10.05
CA ILE C 99 3.07 -3.82 -10.66
C ILE C 99 4.61 -3.79 -10.65
N GLY C 100 5.10 -2.79 -11.32
CA GLY C 100 6.52 -2.56 -11.51
C GLY C 100 7.28 -2.59 -10.20
N GLU C 101 6.76 -1.76 -9.31
CA GLU C 101 7.27 -1.57 -7.96
C GLU C 101 7.54 -2.93 -7.27
N ILE C 102 6.67 -3.84 -7.68
CA ILE C 102 6.63 -5.21 -7.24
C ILE C 102 7.60 -6.14 -7.91
N ALA C 103 7.30 -6.27 -9.18
CA ALA C 103 8.08 -7.15 -10.08
C ALA C 103 9.57 -7.06 -9.73
N SER C 104 9.96 -5.87 -9.31
CA SER C 104 11.28 -5.46 -8.86
C SER C 104 11.60 -6.10 -7.52
N TYR C 105 10.87 -7.12 -7.17
CA TYR C 105 11.06 -7.84 -5.91
C TYR C 105 11.38 -9.29 -6.28
N TYR C 106 11.25 -9.57 -7.55
CA TYR C 106 11.50 -10.87 -8.14
C TYR C 106 12.42 -10.76 -9.33
N THR C 107 13.11 -11.80 -9.66
CA THR C 107 14.07 -11.83 -10.74
C THR C 107 13.44 -12.16 -12.07
N HIS C 108 12.37 -12.91 -12.06
CA HIS C 108 11.71 -13.26 -13.33
C HIS C 108 10.21 -13.05 -13.38
N TRP C 109 9.71 -12.65 -14.52
CA TRP C 109 8.31 -12.36 -14.84
C TRP C 109 7.79 -13.11 -16.06
N THR C 110 6.48 -13.16 -16.19
CA THR C 110 5.85 -13.82 -17.32
C THR C 110 4.32 -13.67 -17.36
N GLY C 111 3.88 -13.91 -18.59
CA GLY C 111 2.51 -13.81 -19.00
C GLY C 111 2.19 -12.56 -19.79
N SER C 112 0.88 -12.44 -20.01
CA SER C 112 0.31 -11.31 -20.75
C SER C 112 0.18 -10.18 -19.76
N LEU C 113 -0.14 -9.02 -20.22
CA LEU C 113 -0.34 -7.75 -19.57
C LEU C 113 -1.39 -6.91 -20.32
N ARG C 114 -2.00 -6.16 -19.47
CA ARG C 114 -3.05 -5.26 -19.83
C ARG C 114 -2.92 -3.78 -19.71
N PHE C 115 -3.04 -3.13 -20.85
CA PHE C 115 -2.98 -1.67 -20.79
C PHE C 115 -4.36 -1.13 -21.08
N SER C 116 -4.76 -0.24 -20.20
CA SER C 116 -6.08 0.40 -20.34
C SER C 116 -5.92 1.92 -20.48
N PHE C 117 -6.72 2.52 -21.33
CA PHE C 117 -6.68 3.97 -21.52
C PHE C 117 -8.11 4.49 -21.34
N MET C 118 -8.26 5.68 -20.84
CA MET C 118 -9.49 6.41 -20.56
C MET C 118 -9.43 7.85 -21.08
N PHE C 119 -10.57 8.25 -21.61
CA PHE C 119 -10.71 9.58 -22.20
C PHE C 119 -11.27 10.61 -21.23
N CYS C 120 -10.43 11.45 -20.69
CA CYS C 120 -10.87 12.54 -19.81
C CYS C 120 -11.25 13.75 -20.69
N GLY C 121 -11.62 13.48 -21.93
CA GLY C 121 -12.01 14.47 -22.93
C GLY C 121 -13.33 15.08 -22.45
N THR C 122 -14.21 15.31 -23.42
CA THR C 122 -15.55 15.87 -23.25
C THR C 122 -16.54 14.79 -23.70
N ALA C 123 -17.77 15.23 -23.69
CA ALA C 123 -18.83 14.31 -24.11
C ALA C 123 -18.98 14.52 -25.61
N ASN C 124 -19.27 15.72 -26.05
CA ASN C 124 -19.47 16.10 -27.44
C ASN C 124 -18.19 15.88 -28.27
N THR C 125 -17.08 15.68 -27.58
CA THR C 125 -15.81 15.41 -28.27
C THR C 125 -15.73 14.03 -28.91
N THR C 126 -14.90 13.83 -29.88
CA THR C 126 -14.71 12.56 -30.57
C THR C 126 -13.28 12.34 -31.04
N LEU C 127 -12.91 11.10 -31.11
CA LEU C 127 -11.59 10.69 -31.55
C LEU C 127 -11.55 9.19 -31.78
N LYS C 128 -10.45 8.81 -32.40
CA LYS C 128 -10.05 7.47 -32.73
C LYS C 128 -8.54 7.29 -32.82
N LEU C 129 -7.97 6.72 -31.78
CA LEU C 129 -6.55 6.39 -31.70
C LEU C 129 -6.37 4.91 -32.10
N LEU C 130 -5.19 4.58 -32.50
CA LEU C 130 -4.67 3.24 -32.84
C LEU C 130 -3.49 2.99 -31.87
N LEU C 131 -3.61 1.95 -31.05
CA LEU C 131 -2.57 1.57 -30.09
C LEU C 131 -1.96 0.29 -30.65
N ALA C 132 -0.68 0.15 -30.37
CA ALA C 132 -0.01 -1.05 -30.86
C ALA C 132 1.13 -1.53 -30.01
N TYR C 133 1.17 -2.85 -30.06
CA TYR C 133 2.19 -3.64 -29.38
C TYR C 133 3.11 -4.19 -30.48
N THR C 134 4.33 -3.73 -30.44
CA THR C 134 5.42 -4.11 -31.33
C THR C 134 6.34 -5.05 -30.52
N PRO C 135 6.14 -6.34 -30.78
CA PRO C 135 6.93 -7.37 -30.14
C PRO C 135 8.42 -7.10 -30.34
N PRO C 136 9.12 -7.84 -29.48
CA PRO C 136 10.57 -7.78 -29.45
C PRO C 136 11.07 -8.27 -30.79
N GLY C 137 12.11 -7.71 -31.36
CA GLY C 137 12.66 -8.17 -32.63
C GLY C 137 13.30 -6.98 -33.32
N ILE C 138 12.57 -5.89 -33.42
CA ILE C 138 13.06 -4.68 -34.05
C ILE C 138 12.99 -3.44 -33.17
N ASP C 139 13.08 -2.31 -33.84
CA ASP C 139 13.06 -0.98 -33.25
C ASP C 139 11.65 -0.39 -33.14
N GLU C 140 11.51 0.40 -32.07
CA GLU C 140 10.19 1.05 -31.86
C GLU C 140 9.96 1.81 -33.16
N PRO C 141 8.80 1.55 -33.74
CA PRO C 141 8.39 2.12 -35.01
C PRO C 141 8.23 3.63 -35.00
N THR C 142 8.87 4.12 -36.04
CA THR C 142 9.01 5.49 -36.50
C THR C 142 7.72 5.94 -37.13
N THR C 143 7.00 5.09 -37.79
CA THR C 143 5.74 5.30 -38.48
C THR C 143 4.58 4.39 -38.07
N ARG C 144 3.33 4.81 -38.30
CA ARG C 144 2.15 4.03 -37.94
C ARG C 144 2.02 2.77 -38.77
N LYS C 145 1.89 2.92 -40.07
CA LYS C 145 1.84 1.76 -40.97
C LYS C 145 2.83 0.78 -40.33
N ASP C 146 4.13 0.99 -40.39
CA ASP C 146 5.06 0.03 -39.79
C ASP C 146 4.59 -0.59 -38.46
N ALA C 147 4.06 0.22 -37.58
CA ALA C 147 3.63 -0.38 -36.31
C ALA C 147 2.33 -1.17 -36.44
N MET C 148 1.35 -0.81 -37.22
CA MET C 148 0.01 -1.38 -37.43
C MET C 148 0.08 -2.82 -37.94
N LEU C 149 1.21 -3.07 -38.55
CA LEU C 149 1.60 -4.36 -39.09
C LEU C 149 1.61 -5.43 -38.00
N GLY C 150 1.91 -5.14 -36.76
CA GLY C 150 1.91 -6.16 -35.70
C GLY C 150 0.61 -5.97 -34.91
N THR C 151 0.68 -6.49 -33.71
CA THR C 151 -0.41 -6.47 -32.72
C THR C 151 -0.93 -5.10 -32.38
N HIS C 152 -2.22 -4.90 -32.52
CA HIS C 152 -2.82 -3.62 -32.20
C HIS C 152 -4.32 -3.70 -31.99
N VAL C 153 -4.78 -2.52 -31.63
CA VAL C 153 -6.20 -2.29 -31.36
C VAL C 153 -6.62 -0.89 -31.74
N VAL C 154 -7.57 -0.73 -32.62
CA VAL C 154 -8.09 0.59 -33.02
C VAL C 154 -9.02 0.93 -31.84
N TRP C 155 -9.07 2.15 -31.40
CA TRP C 155 -9.91 2.52 -30.25
C TRP C 155 -10.90 3.57 -30.66
N ASP C 156 -12.15 3.31 -30.58
CA ASP C 156 -13.20 4.28 -30.92
C ASP C 156 -13.70 4.88 -29.61
N VAL C 157 -13.37 6.15 -29.53
CA VAL C 157 -13.78 6.97 -28.38
C VAL C 157 -15.28 7.21 -28.57
N GLY C 158 -15.93 6.91 -27.46
CA GLY C 158 -17.40 7.09 -27.59
C GLY C 158 -17.97 6.98 -26.18
N LEU C 159 -19.26 6.81 -26.18
CA LEU C 159 -20.00 6.63 -24.93
C LEU C 159 -19.33 5.71 -23.92
N GLN C 160 -18.41 4.89 -24.42
CA GLN C 160 -17.74 4.02 -23.47
C GLN C 160 -16.66 4.82 -22.73
N SER C 161 -15.49 4.89 -23.38
CA SER C 161 -14.48 5.68 -22.66
C SER C 161 -13.23 4.91 -22.31
N THR C 162 -13.39 3.62 -22.16
CA THR C 162 -12.10 2.95 -21.78
C THR C 162 -11.88 1.84 -22.76
N ILE C 163 -10.69 1.80 -23.29
CA ILE C 163 -10.30 0.75 -24.24
C ILE C 163 -9.12 0.15 -23.44
N SER C 164 -9.13 -1.14 -23.54
CA SER C 164 -8.12 -1.98 -22.87
C SER C 164 -7.42 -2.75 -23.98
N LEU C 165 -6.12 -2.60 -24.00
CA LEU C 165 -5.23 -3.23 -24.97
C LEU C 165 -4.47 -4.38 -24.31
N VAL C 166 -4.58 -5.55 -24.94
CA VAL C 166 -3.81 -6.66 -24.30
C VAL C 166 -2.45 -6.79 -24.99
N VAL C 167 -1.47 -7.18 -24.22
CA VAL C 167 -0.10 -7.43 -24.58
C VAL C 167 0.13 -8.94 -24.39
N PRO C 168 -0.11 -9.67 -25.46
CA PRO C 168 0.07 -11.10 -25.51
C PRO C 168 1.48 -11.40 -25.03
N TRP C 169 1.67 -12.67 -24.81
CA TRP C 169 3.02 -12.97 -24.34
C TRP C 169 3.75 -13.57 -25.53
N VAL C 170 4.75 -12.83 -25.98
CA VAL C 170 5.56 -13.36 -27.09
C VAL C 170 6.99 -13.36 -26.57
N SER C 171 7.56 -14.55 -26.59
CA SER C 171 8.91 -14.73 -26.08
C SER C 171 9.44 -16.08 -26.51
N ALA C 172 10.72 -16.27 -26.35
CA ALA C 172 11.30 -17.57 -26.74
C ALA C 172 11.29 -18.34 -25.46
N SER C 173 11.90 -17.82 -24.45
CA SER C 173 12.09 -18.38 -23.10
C SER C 173 10.84 -18.37 -22.28
N HIS C 174 10.26 -19.52 -21.88
CA HIS C 174 8.97 -19.38 -21.12
C HIS C 174 8.99 -18.20 -20.19
N PHE C 175 10.13 -17.83 -19.81
CA PHE C 175 10.26 -16.80 -18.84
C PHE C 175 11.24 -15.71 -19.22
N ARG C 176 10.91 -14.52 -18.73
CA ARG C 176 11.70 -13.29 -18.92
C ARG C 176 12.24 -12.78 -17.59
N LEU C 177 13.30 -12.07 -17.69
CA LEU C 177 14.00 -11.50 -16.56
C LEU C 177 13.38 -10.16 -16.21
N THR C 178 13.35 -9.86 -14.94
CA THR C 178 12.78 -8.56 -14.57
C THR C 178 13.79 -7.43 -14.76
N ALA C 179 15.03 -7.83 -14.66
CA ALA C 179 16.18 -6.91 -14.78
C ALA C 179 16.47 -6.59 -16.23
N ASP C 180 16.83 -5.35 -16.54
CA ASP C 180 17.19 -4.88 -17.88
C ASP C 180 18.11 -5.94 -18.52
N ASN C 181 17.66 -6.37 -19.69
CA ASN C 181 18.39 -7.42 -20.41
C ASN C 181 17.90 -7.37 -21.87
N LYS C 182 18.96 -7.20 -22.65
CA LYS C 182 18.88 -7.08 -24.10
C LYS C 182 18.12 -8.31 -24.62
N TYR C 183 18.48 -9.45 -24.04
CA TYR C 183 17.76 -10.67 -24.48
C TYR C 183 16.24 -10.61 -24.21
N SER C 184 15.90 -10.67 -22.95
CA SER C 184 14.52 -10.63 -22.45
C SER C 184 13.74 -9.35 -22.74
N MET C 185 14.06 -8.64 -23.79
CA MET C 185 13.46 -7.39 -24.27
C MET C 185 12.01 -7.77 -24.66
N ALA C 186 11.09 -7.19 -23.97
CA ALA C 186 9.66 -7.43 -24.21
C ALA C 186 9.09 -6.64 -25.38
N GLY C 187 9.70 -5.54 -25.78
CA GLY C 187 9.14 -4.80 -26.91
C GLY C 187 8.60 -3.44 -26.49
N TYR C 188 7.90 -2.85 -27.42
CA TYR C 188 7.29 -1.53 -27.32
C TYR C 188 5.80 -1.53 -27.65
N ILE C 189 5.13 -0.54 -27.17
CA ILE C 189 3.69 -0.23 -27.34
C ILE C 189 3.71 1.25 -27.65
N THR C 190 2.88 1.69 -28.55
CA THR C 190 2.81 3.08 -29.02
C THR C 190 1.38 3.46 -29.36
N CYS C 191 1.10 4.73 -29.52
CA CYS C 191 -0.29 5.10 -29.79
C CYS C 191 -0.31 6.12 -30.89
N TRP C 192 -1.20 6.03 -31.81
CA TRP C 192 -1.29 7.04 -32.88
C TRP C 192 -2.73 7.42 -33.21
N TYR C 193 -2.85 8.44 -34.04
CA TYR C 193 -4.22 8.90 -34.38
C TYR C 193 -4.64 8.02 -35.56
N GLN C 194 -5.91 7.67 -35.44
CA GLN C 194 -6.52 6.87 -36.52
C GLN C 194 -7.19 7.93 -37.40
N THR C 195 -8.00 8.73 -36.75
CA THR C 195 -8.71 9.88 -37.38
C THR C 195 -8.14 11.14 -36.71
N ASN C 196 -9.00 11.78 -35.94
CA ASN C 196 -8.63 12.98 -35.18
C ASN C 196 -9.45 13.07 -33.89
N LEU C 197 -9.44 14.26 -33.43
CA LEU C 197 -10.10 14.74 -32.25
C LEU C 197 -10.93 15.86 -32.79
N VAL C 198 -12.21 15.60 -32.99
CA VAL C 198 -13.09 16.63 -33.55
C VAL C 198 -13.99 17.13 -32.47
N VAL C 199 -14.17 18.43 -32.47
CA VAL C 199 -15.02 18.91 -31.36
C VAL C 199 -15.83 19.98 -32.02
N PRO C 200 -17.06 19.90 -31.67
CA PRO C 200 -18.00 20.89 -32.18
C PRO C 200 -17.74 22.09 -31.26
N PRO C 201 -18.14 23.20 -31.83
CA PRO C 201 -18.07 24.49 -31.22
C PRO C 201 -17.94 24.81 -29.77
N SER C 202 -16.81 25.46 -29.49
CA SER C 202 -16.77 25.91 -28.09
C SER C 202 -16.68 24.79 -27.05
N THR C 203 -15.69 24.02 -27.45
CA THR C 203 -15.30 22.87 -26.64
C THR C 203 -13.79 23.04 -26.76
N PRO C 204 -13.07 22.67 -25.76
CA PRO C 204 -11.61 22.76 -25.84
C PRO C 204 -11.13 21.82 -26.93
N GLN C 205 -9.94 22.00 -27.46
CA GLN C 205 -9.39 21.16 -28.54
C GLN C 205 -8.19 20.27 -28.20
N THR C 206 -7.89 20.29 -26.93
CA THR C 206 -6.84 19.42 -26.37
C THR C 206 -7.69 18.83 -25.22
N ALA C 207 -7.31 17.64 -24.84
CA ALA C 207 -7.97 16.88 -23.79
C ALA C 207 -6.95 15.77 -23.45
N ASP C 208 -7.26 15.23 -22.28
CA ASP C 208 -6.35 14.18 -21.79
C ASP C 208 -6.91 12.78 -21.78
N MET C 209 -5.96 11.88 -21.73
CA MET C 209 -6.24 10.44 -21.66
C MET C 209 -5.33 9.98 -20.51
N LEU C 210 -5.88 9.16 -19.62
CA LEU C 210 -5.11 8.61 -18.50
C LEU C 210 -4.68 7.20 -18.92
N CYS C 211 -3.53 6.71 -18.45
CA CYS C 211 -3.38 5.31 -18.94
C CYS C 211 -3.04 4.41 -17.76
N PHE C 212 -3.44 3.16 -17.89
CA PHE C 212 -3.18 2.19 -16.82
C PHE C 212 -2.75 0.81 -17.34
N VAL C 213 -2.23 0.09 -16.37
CA VAL C 213 -1.71 -1.26 -16.49
C VAL C 213 -1.92 -2.08 -15.20
N SER C 214 -2.66 -3.16 -15.39
CA SER C 214 -3.05 -4.24 -14.47
C SER C 214 -2.52 -5.53 -15.11
N ALA C 215 -2.48 -6.66 -14.45
CA ALA C 215 -1.97 -7.92 -15.00
C ALA C 215 -3.06 -8.70 -15.71
N CYS C 216 -2.71 -9.89 -16.15
CA CYS C 216 -3.62 -10.81 -16.89
C CYS C 216 -3.57 -12.11 -16.11
N LYS C 217 -4.52 -13.00 -16.17
CA LYS C 217 -4.44 -14.25 -15.37
C LYS C 217 -3.33 -15.16 -15.82
N ASP C 218 -2.67 -14.70 -16.80
CA ASP C 218 -1.53 -15.29 -17.46
C ASP C 218 -0.33 -15.30 -16.53
N PHE C 219 -0.09 -14.09 -16.10
CA PHE C 219 0.87 -13.49 -15.22
C PHE C 219 1.31 -14.39 -14.06
N CYS C 220 2.55 -14.15 -13.75
CA CYS C 220 3.24 -14.86 -12.68
C CYS C 220 4.70 -14.44 -12.70
N LEU C 221 5.23 -14.40 -11.51
CA LEU C 221 6.56 -14.05 -11.08
C LEU C 221 7.24 -15.12 -10.24
N ARG C 222 8.52 -14.91 -10.03
CA ARG C 222 9.40 -15.80 -9.29
C ARG C 222 10.82 -15.28 -9.06
N MET C 223 11.46 -16.01 -8.18
CA MET C 223 12.81 -15.89 -7.66
C MET C 223 12.77 -14.57 -6.90
N ALA C 224 12.33 -14.57 -5.66
CA ALA C 224 12.30 -13.29 -4.95
C ALA C 224 13.73 -12.82 -4.73
N ARG C 225 13.84 -11.51 -4.81
CA ARG C 225 15.06 -10.71 -4.65
C ARG C 225 14.70 -9.35 -4.09
N ASP C 226 15.62 -8.62 -3.56
CA ASP C 226 15.40 -7.28 -2.96
C ASP C 226 15.23 -6.24 -4.05
N THR C 227 14.40 -5.25 -3.94
CA THR C 227 14.15 -4.21 -4.94
C THR C 227 15.27 -3.28 -5.39
N ASP C 228 14.98 -2.71 -6.54
CA ASP C 228 15.68 -1.78 -7.36
C ASP C 228 15.36 -0.29 -7.09
N LEU C 229 14.08 -0.12 -7.19
CA LEU C 229 13.36 1.14 -7.09
C LEU C 229 13.39 1.75 -5.69
N HIS C 230 14.36 1.46 -4.86
CA HIS C 230 14.44 2.09 -3.53
C HIS C 230 15.73 1.88 -2.79
N ILE C 231 16.55 2.90 -2.79
CA ILE C 231 17.87 2.96 -2.13
C ILE C 231 17.73 3.83 -0.85
N GLN C 232 17.97 3.12 0.26
CA GLN C 232 17.84 3.85 1.52
C GLN C 232 19.24 4.42 1.84
N SER C 233 19.43 5.53 1.13
CA SER C 233 20.69 6.30 1.37
C SER C 233 20.31 7.28 2.49
N GLY C 234 20.27 6.53 3.59
CA GLY C 234 19.93 6.99 4.93
C GLY C 234 21.26 6.71 5.66
N PRO C 235 21.08 6.24 6.86
CA PRO C 235 19.90 5.93 7.63
C PRO C 235 18.81 6.98 7.88
N ILE C 236 17.94 6.34 8.63
CA ILE C 236 16.70 6.53 9.30
C ILE C 236 16.92 6.85 10.78
N GLU C 237 16.31 7.99 11.13
CA GLU C 237 16.43 8.44 12.54
C GLU C 237 15.42 7.97 13.57
N GLN C 238 15.21 8.91 14.47
CA GLN C 238 14.28 8.78 15.61
C GLN C 238 13.56 10.12 15.86
N TYR D 26 9.34 -36.34 5.92
CA TYR D 26 9.48 -35.82 7.33
C TYR D 26 8.72 -34.49 7.52
N PHE D 27 7.87 -34.56 8.58
CA PHE D 27 6.98 -33.39 8.89
C PHE D 27 5.79 -33.63 9.84
N ASN D 28 5.47 -32.44 10.37
CA ASN D 28 4.39 -32.27 11.35
C ASN D 28 5.04 -32.72 12.68
N ILE D 29 6.36 -32.50 12.78
CA ILE D 29 6.85 -33.02 14.10
C ILE D 29 7.16 -31.76 14.84
N ASN D 30 6.11 -31.17 15.34
CA ASN D 30 6.34 -29.89 16.09
C ASN D 30 7.12 -30.34 17.32
N TYR D 31 8.41 -30.23 17.15
CA TYR D 31 9.23 -30.67 18.28
C TYR D 31 8.90 -29.78 19.47
N PHE D 32 8.45 -28.55 19.28
CA PHE D 32 8.09 -27.61 20.36
C PHE D 32 6.57 -27.44 20.51
N LYS D 33 6.22 -27.40 21.76
CA LYS D 33 4.90 -27.27 22.38
C LYS D 33 3.96 -26.19 21.82
N ASP D 34 4.42 -24.96 21.88
CA ASP D 34 3.75 -23.72 21.45
C ASP D 34 3.51 -23.74 19.96
N ALA D 35 2.56 -22.92 19.54
CA ALA D 35 2.28 -23.03 18.07
C ALA D 35 3.05 -22.01 17.30
N ALA D 36 3.37 -20.95 18.01
CA ALA D 36 4.13 -19.81 17.49
C ALA D 36 5.49 -20.25 16.95
N SER D 37 5.82 -21.44 17.37
CA SER D 37 7.09 -22.03 17.01
C SER D 37 6.70 -23.14 16.07
N SER D 38 7.05 -22.95 14.84
CA SER D 38 6.67 -24.04 13.92
C SER D 38 7.22 -23.53 12.60
N GLY D 39 7.11 -24.31 11.58
CA GLY D 39 7.61 -23.88 10.28
C GLY D 39 6.60 -22.87 9.72
N ALA D 40 7.02 -22.41 8.57
CA ALA D 40 6.32 -21.44 7.73
C ALA D 40 5.05 -22.29 7.55
N SER D 41 3.98 -21.53 7.56
CA SER D 41 2.70 -22.29 7.41
C SER D 41 2.71 -22.81 5.96
N ARG D 42 1.56 -23.43 5.70
CA ARG D 42 1.12 -24.13 4.50
C ARG D 42 0.43 -23.29 3.46
N LEU D 43 -0.33 -23.90 2.54
CA LEU D 43 -0.78 -22.89 1.54
C LEU D 43 -2.23 -22.66 1.23
N ASP D 44 -2.79 -23.84 0.87
CA ASP D 44 -4.26 -23.75 0.52
C ASP D 44 -4.64 -22.29 0.14
C3 W91 E . 6.22 -4.50 15.21
C31 W91 E . 5.72 -3.45 14.27
C4 W91 E . 7.37 -5.30 15.12
C5 W91 E . 7.38 -6.06 16.21
O1 W91 E . 6.31 -5.77 16.97
N2 W91 E . 5.57 -4.75 16.30
C1C W91 E . 8.29 -7.12 16.75
C2C W91 E . 8.73 -6.86 18.18
C3C W91 E . 10.24 -7.04 18.36
O1B W91 E . 10.50 -8.45 18.44
C1B W91 E . 11.56 -8.92 19.18
C2B W91 E . 11.40 -9.24 20.52
CL2 W91 E . 9.87 -9.07 21.27
C3B W91 E . 12.48 -9.68 21.26
C4B W91 E . 13.74 -9.82 20.65
C5B W91 E . 13.88 -9.51 19.30
C6B W91 E . 12.81 -9.08 18.57
CL1 W91 E . 13.02 -8.68 16.91
C2A W91 E . 14.91 -10.24 21.41
N3A W91 E . 14.95 -10.64 22.78
C4A W91 E . 16.21 -10.97 23.18
C5A W91 E . 16.95 -10.73 21.89
O1A W91 E . 16.12 -10.29 20.89
#